data_9N0V
#
_entry.id   9N0V
#
_cell.length_a   153.320
_cell.length_b   153.320
_cell.length_c   112.330
_cell.angle_alpha   90.000
_cell.angle_beta   90.000
_cell.angle_gamma   120.000
#
_symmetry.space_group_name_H-M   'H 3'
#
loop_
_entity.id
_entity.type
_entity.pdbx_description
1 polymer 'Capsid protein p24'
2 non-polymer N-[(1S)-1-{(3M)-3-[4-chloro-3-(methanesulfonamido)-1-(2,2,2-trifluoroethyl)-1H-indazol-7-yl]-6-[3-(methanesulfonyl)-3-methylbut-1-yn-1-yl]pyridin-2-yl}-2-phenylethyl]-2-[(3bS,4aR)-5,5-difluoro-3-(trifluoromethyl)-3b,4,4a,5-tetrahydro-1H-cyclopropa[3,4]cyclopenta[1,2-c]pyrazol-1-yl]acetamide
#
_entity_poly.entity_id   1
_entity_poly.type   'polypeptide(L)'
_entity_poly.pdbx_seq_one_letter_code
;PIVQNLQGQMVHQCISPRTLNAWVKVVEEKAFSPEVIPMFSALSCGATPQDLNTMLNTVGGHQAAMQMLKETINEEAAEW
DRLHPVHAGPIAPGQMREPRGSDIAGTTSTLQEQIGWMTHNPPIPVGEIYKRWIILGLNKIVRMYSPTSILDIRQGPKEP
FRDYVDRFYKTLRAEQASQEVKNAATETLLVQNANPDCKTILKALGPGATLEEMMTACQG
;
_entity_poly.pdbx_strand_id   A,B,C,D
#
# COMPACT_ATOMS: atom_id res chain seq x y z
N PRO A 1 22.99 -0.48 18.24
CA PRO A 1 22.61 -0.02 19.57
C PRO A 1 22.94 1.45 19.82
N ILE A 2 22.30 2.04 20.82
CA ILE A 2 22.54 3.43 21.20
C ILE A 2 23.62 3.40 22.28
N VAL A 3 24.86 3.61 21.86
CA VAL A 3 26.00 3.65 22.76
C VAL A 3 26.41 5.11 22.95
N GLN A 4 27.23 5.35 23.97
CA GLN A 4 27.68 6.70 24.30
C GLN A 4 29.10 6.87 23.78
N ASN A 5 29.25 7.66 22.72
CA ASN A 5 30.58 8.00 22.25
C ASN A 5 31.31 8.83 23.30
N LEU A 6 32.59 9.07 23.04
CA LEU A 6 33.40 9.90 23.92
C LEU A 6 32.92 11.35 23.95
N GLN A 7 31.94 11.72 23.12
CA GLN A 7 31.37 13.06 23.13
C GLN A 7 30.23 13.20 24.10
N GLY A 8 29.96 12.17 24.91
CA GLY A 8 28.87 12.22 25.86
C GLY A 8 27.49 12.11 25.23
N GLN A 9 27.40 12.32 23.92
CA GLN A 9 26.15 12.19 23.20
C GLN A 9 25.95 10.74 22.79
N MET A 10 24.77 10.20 23.11
CA MET A 10 24.43 8.83 22.75
C MET A 10 24.34 8.71 21.23
N VAL A 11 25.28 7.97 20.64
CA VAL A 11 25.30 7.76 19.20
C VAL A 11 24.89 6.33 18.89
N HIS A 12 24.43 6.13 17.67
CA HIS A 12 23.99 4.81 17.22
C HIS A 12 25.14 4.08 16.55
N GLN A 13 25.30 2.80 16.90
CA GLN A 13 26.30 1.94 16.30
C GLN A 13 25.63 0.69 15.76
N CYS A 14 26.38 -0.07 14.96
CA CYS A 14 25.89 -1.32 14.41
C CYS A 14 26.01 -2.42 15.46
N ILE A 15 25.03 -3.33 15.46
CA ILE A 15 25.07 -4.46 16.37
C ILE A 15 26.26 -5.33 16.00
N SER A 16 27.18 -5.51 16.95
CA SER A 16 28.44 -6.15 16.64
C SER A 16 28.20 -7.60 16.22
N PRO A 17 29.05 -8.15 15.35
CA PRO A 17 28.91 -9.57 15.00
C PRO A 17 29.02 -10.48 16.21
N ARG A 18 29.99 -10.21 17.09
CA ARG A 18 30.12 -10.99 18.32
C ARG A 18 28.78 -11.08 19.05
N THR A 19 28.11 -9.93 19.21
CA THR A 19 26.84 -9.92 19.93
C THR A 19 25.81 -10.82 19.26
N LEU A 20 25.75 -10.78 17.93
CA LEU A 20 24.82 -11.65 17.22
C LEU A 20 25.14 -13.12 17.47
N ASN A 21 26.40 -13.51 17.24
CA ASN A 21 26.79 -14.90 17.46
C ASN A 21 26.45 -15.34 18.88
N ALA A 22 26.77 -14.51 19.87
CA ALA A 22 26.46 -14.86 21.25
C ALA A 22 24.97 -15.14 21.43
N TRP A 23 24.13 -14.24 20.92
CA TRP A 23 22.68 -14.42 21.08
C TRP A 23 22.19 -15.67 20.35
N VAL A 24 22.79 -15.98 19.19
CA VAL A 24 22.33 -17.14 18.44
C VAL A 24 22.79 -18.42 19.12
N LYS A 25 24.02 -18.44 19.62
CA LYS A 25 24.55 -19.66 20.22
C LYS A 25 23.94 -19.94 21.58
N VAL A 26 23.56 -18.89 22.32
CA VAL A 26 22.90 -19.13 23.60
C VAL A 26 21.49 -19.66 23.40
N VAL A 27 20.89 -19.40 22.24
CA VAL A 27 19.58 -19.98 21.94
C VAL A 27 19.76 -21.40 21.41
N GLU A 28 20.75 -21.61 20.54
CA GLU A 28 21.03 -22.95 20.04
C GLU A 28 21.48 -23.86 21.17
N GLU A 29 22.36 -23.37 22.05
CA GLU A 29 22.94 -24.22 23.08
C GLU A 29 22.01 -24.37 24.26
N LYS A 30 21.50 -23.26 24.81
CA LYS A 30 20.68 -23.29 26.01
C LYS A 30 19.18 -23.30 25.73
N ALA A 31 18.76 -23.05 24.49
CA ALA A 31 17.33 -23.08 24.13
C ALA A 31 16.63 -22.04 25.01
N PHE A 32 15.46 -22.34 25.59
CA PHE A 32 14.76 -21.38 26.42
C PHE A 32 14.87 -21.72 27.90
N SER A 33 16.08 -22.01 28.37
CA SER A 33 16.30 -22.15 29.79
C SER A 33 16.25 -20.78 30.46
N PRO A 34 16.06 -20.74 31.78
CA PRO A 34 15.95 -19.44 32.45
C PRO A 34 17.14 -18.54 32.22
N GLU A 35 18.33 -19.12 31.99
CA GLU A 35 19.54 -18.33 31.83
C GLU A 35 19.64 -17.65 30.48
N VAL A 36 18.66 -17.82 29.60
CA VAL A 36 18.71 -17.11 28.32
C VAL A 36 18.06 -15.73 28.44
N ILE A 37 17.11 -15.55 29.36
CA ILE A 37 16.55 -14.22 29.58
C ILE A 37 17.63 -13.24 30.03
N PRO A 38 18.42 -13.52 31.07
CA PRO A 38 19.54 -12.62 31.39
C PRO A 38 20.47 -12.41 30.22
N MET A 39 20.79 -13.47 29.49
CA MET A 39 21.67 -13.33 28.33
C MET A 39 21.06 -12.38 27.30
N PHE A 40 19.76 -12.49 27.07
CA PHE A 40 19.11 -11.57 26.14
C PHE A 40 19.15 -10.14 26.69
N SER A 41 18.71 -9.95 27.92
CA SER A 41 18.74 -8.63 28.53
C SER A 41 20.12 -8.00 28.48
N ALA A 42 21.17 -8.82 28.57
CA ALA A 42 22.54 -8.30 28.52
C ALA A 42 23.00 -8.07 27.09
N LEU A 43 22.71 -9.02 26.19
CA LEU A 43 23.13 -8.88 24.79
C LEU A 43 22.35 -7.81 24.05
N SER A 44 21.22 -7.34 24.61
CA SER A 44 20.42 -6.28 24.02
C SER A 44 20.58 -4.96 24.76
N CYS A 45 21.68 -4.79 25.50
CA CYS A 45 21.91 -3.56 26.24
C CYS A 45 21.90 -2.36 25.30
N GLY A 46 21.03 -1.40 25.60
CA GLY A 46 20.98 -0.18 24.79
C GLY A 46 20.67 -0.44 23.33
N ALA A 47 19.77 -1.37 23.05
CA ALA A 47 19.43 -1.73 21.68
C ALA A 47 18.20 -0.98 21.21
N THR A 48 18.15 -0.69 19.91
CA THR A 48 16.97 -0.10 19.30
C THR A 48 15.95 -1.18 18.98
N PRO A 49 14.67 -0.80 18.85
CA PRO A 49 13.66 -1.79 18.44
C PRO A 49 14.08 -2.59 17.21
N GLN A 50 14.75 -1.94 16.26
CA GLN A 50 15.25 -2.66 15.10
C GLN A 50 16.32 -3.69 15.49
N ASP A 51 17.19 -3.33 16.44
CA ASP A 51 18.18 -4.28 16.92
C ASP A 51 17.52 -5.45 17.63
N LEU A 52 16.45 -5.20 18.39
CA LEU A 52 15.76 -6.27 19.09
C LEU A 52 15.09 -7.21 18.10
N ASN A 53 14.40 -6.66 17.10
CA ASN A 53 13.83 -7.50 16.06
C ASN A 53 14.90 -8.28 15.32
N THR A 54 16.07 -7.68 15.12
CA THR A 54 17.18 -8.40 14.50
C THR A 54 17.54 -9.65 15.29
N MET A 55 17.75 -9.50 16.60
CA MET A 55 18.08 -10.63 17.44
C MET A 55 16.98 -11.67 17.40
N LEU A 56 15.72 -11.24 17.59
CA LEU A 56 14.61 -12.18 17.59
C LEU A 56 14.51 -12.90 16.25
N ASN A 57 14.79 -12.20 15.15
CA ASN A 57 14.68 -12.84 13.84
C ASN A 57 15.82 -13.82 13.59
N THR A 58 16.98 -13.58 14.21
CA THR A 58 18.09 -14.52 14.03
C THR A 58 17.85 -15.85 14.71
N VAL A 59 16.87 -15.94 15.61
CA VAL A 59 16.59 -17.18 16.32
C VAL A 59 16.05 -18.21 15.34
N GLY A 60 16.89 -19.17 14.96
CA GLY A 60 16.46 -20.22 14.06
C GLY A 60 15.68 -21.29 14.82
N GLY A 61 14.48 -21.58 14.32
CA GLY A 61 13.63 -22.53 14.98
C GLY A 61 12.83 -21.91 16.11
N HIS A 62 12.23 -22.79 16.91
CA HIS A 62 11.39 -22.38 18.03
C HIS A 62 10.26 -21.46 17.57
N GLN A 63 9.86 -21.59 16.31
CA GLN A 63 8.90 -20.64 15.74
C GLN A 63 7.60 -20.59 16.53
N ALA A 64 7.22 -21.70 17.17
CA ALA A 64 6.06 -21.65 18.06
C ALA A 64 6.28 -20.62 19.16
N ALA A 65 7.42 -20.70 19.85
CA ALA A 65 7.74 -19.73 20.89
C ALA A 65 7.80 -18.32 20.33
N MET A 66 8.39 -18.17 19.15
CA MET A 66 8.54 -16.84 18.57
C MET A 66 7.19 -16.21 18.26
N GLN A 67 6.25 -17.00 17.74
CA GLN A 67 4.91 -16.48 17.51
C GLN A 67 4.23 -16.14 18.83
N MET A 68 4.46 -16.96 19.86
CA MET A 68 3.97 -16.61 21.19
C MET A 68 4.59 -15.30 21.66
N LEU A 69 5.90 -15.12 21.42
CA LEU A 69 6.54 -13.86 21.78
C LEU A 69 5.89 -12.69 21.06
N LYS A 70 5.57 -12.87 19.77
CA LYS A 70 4.89 -11.82 19.03
C LYS A 70 3.54 -11.48 19.65
N GLU A 71 2.78 -12.51 20.05
CA GLU A 71 1.47 -12.27 20.65
C GLU A 71 1.60 -11.48 21.95
N THR A 72 2.57 -11.83 22.79
CA THR A 72 2.81 -11.06 24.00
C THR A 72 3.16 -9.61 23.66
N ILE A 73 3.99 -9.41 22.64
CA ILE A 73 4.36 -8.06 22.24
C ILE A 73 3.14 -7.30 21.73
N ASN A 74 2.29 -7.97 20.95
CA ASN A 74 1.07 -7.30 20.46
C ASN A 74 0.19 -6.87 21.62
N GLU A 75 -0.02 -7.76 22.60
CA GLU A 75 -0.83 -7.40 23.76
C GLU A 75 -0.24 -6.18 24.46
N GLU A 76 1.07 -6.17 24.69
CA GLU A 76 1.69 -5.05 25.37
C GLU A 76 1.55 -3.76 24.57
N ALA A 77 1.64 -3.84 23.24
CA ALA A 77 1.47 -2.65 22.41
C ALA A 77 0.06 -2.11 22.52
N ALA A 78 -0.94 -2.99 22.50
CA ALA A 78 -2.32 -2.56 22.70
C ALA A 78 -2.50 -1.91 24.06
N GLU A 79 -1.90 -2.48 25.10
CA GLU A 79 -1.98 -1.89 26.42
C GLU A 79 -1.31 -0.52 26.46
N TRP A 80 -0.15 -0.40 25.80
CA TRP A 80 0.52 0.90 25.73
C TRP A 80 -0.38 1.94 25.07
N ASP A 81 -1.00 1.58 23.95
CA ASP A 81 -1.87 2.52 23.25
C ASP A 81 -3.03 2.97 24.13
N ARG A 82 -3.61 2.04 24.90
CA ARG A 82 -4.69 2.42 25.80
C ARG A 82 -4.17 3.24 26.97
N LEU A 83 -2.92 3.00 27.40
CA LEU A 83 -2.32 3.81 28.46
C LEU A 83 -1.98 5.21 27.95
N HIS A 84 -1.49 5.31 26.72
CA HIS A 84 -1.02 6.57 26.16
C HIS A 84 -1.93 7.02 25.04
N PRO A 85 -2.60 8.16 25.15
CA PRO A 85 -3.51 8.60 24.08
C PRO A 85 -2.76 9.13 22.87
N VAL A 86 -3.41 9.02 21.71
CA VAL A 86 -2.92 9.74 20.53
C VAL A 86 -3.18 11.23 20.71
N HIS A 87 -2.26 12.05 20.20
CA HIS A 87 -2.24 13.47 20.49
C HIS A 87 -2.61 14.28 19.26
N ALA A 88 -3.45 15.29 19.46
CA ALA A 88 -4.04 16.02 18.34
C ALA A 88 -3.06 17.04 17.73
N GLY A 89 -2.26 17.71 18.55
CA GLY A 89 -1.45 18.83 18.12
C GLY A 89 -0.44 18.49 17.04
N PRO A 90 -0.08 19.49 16.13
CA PRO A 90 0.50 19.14 14.82
C PRO A 90 2.01 18.88 14.85
N ILE A 91 2.96 19.71 14.36
CA ILE A 91 4.39 19.32 14.48
C ILE A 91 5.29 20.31 15.24
N ALA A 92 5.55 19.98 16.52
CA ALA A 92 6.13 20.85 17.57
C ALA A 92 7.65 20.91 17.41
N PRO A 93 8.33 21.78 18.19
CA PRO A 93 9.74 22.07 17.90
C PRO A 93 10.63 20.89 18.25
N GLY A 94 11.75 21.11 18.93
CA GLY A 94 12.69 20.03 19.19
C GLY A 94 12.10 18.95 20.08
N GLN A 95 11.11 18.22 19.57
CA GLN A 95 10.36 17.27 20.39
C GLN A 95 10.05 16.03 19.57
N MET A 96 9.80 14.92 20.26
CA MET A 96 9.41 13.66 19.64
C MET A 96 7.96 13.35 20.01
N ARG A 97 7.09 13.24 18.99
CA ARG A 97 5.76 12.72 19.21
C ARG A 97 5.80 11.44 20.02
N GLU A 98 4.69 11.13 20.66
CA GLU A 98 4.63 9.95 21.49
C GLU A 98 4.64 8.70 20.60
N PRO A 99 5.48 7.71 20.89
CA PRO A 99 5.45 6.48 20.10
C PRO A 99 4.20 5.68 20.39
N ARG A 100 3.60 5.14 19.32
CA ARG A 100 2.53 4.18 19.49
C ARG A 100 3.11 2.82 19.88
N GLY A 101 2.25 1.98 20.46
CA GLY A 101 2.69 0.64 20.84
C GLY A 101 3.35 -0.10 19.70
N SER A 102 2.84 0.10 18.47
CA SER A 102 3.48 -0.47 17.31
C SER A 102 4.82 0.21 17.01
N ASP A 103 4.94 1.49 17.32
CA ASP A 103 6.22 2.18 17.10
C ASP A 103 7.29 1.64 18.03
N ILE A 104 6.95 1.40 19.30
CA ILE A 104 7.89 0.78 20.23
C ILE A 104 8.32 -0.59 19.71
N ALA A 105 7.35 -1.37 19.19
CA ALA A 105 7.67 -2.64 18.57
C ALA A 105 8.57 -2.48 17.35
N GLY A 106 8.57 -1.30 16.74
CA GLY A 106 9.33 -1.07 15.53
C GLY A 106 8.65 -1.55 14.26
N THR A 107 7.45 -2.12 14.37
CA THR A 107 6.71 -2.53 13.18
C THR A 107 6.31 -1.33 12.33
N THR A 108 5.94 -0.23 12.98
CA THR A 108 5.49 0.99 12.32
C THR A 108 6.46 2.15 12.47
N SER A 109 7.68 1.89 12.96
CA SER A 109 8.61 2.94 13.33
C SER A 109 9.91 2.79 12.56
N THR A 110 10.45 3.92 12.10
CA THR A 110 11.74 3.95 11.43
C THR A 110 12.86 3.92 12.46
N LEU A 111 14.04 3.47 12.02
CA LEU A 111 15.19 3.44 12.93
C LEU A 111 15.59 4.85 13.34
N GLN A 112 15.47 5.82 12.43
CA GLN A 112 15.79 7.19 12.80
C GLN A 112 14.86 7.70 13.88
N GLU A 113 13.56 7.36 13.78
CA GLU A 113 12.63 7.68 14.85
C GLU A 113 13.07 7.03 16.16
N GLN A 114 13.37 5.74 16.11
CA GLN A 114 13.84 5.03 17.31
C GLN A 114 15.05 5.73 17.90
N ILE A 115 16.08 5.95 17.09
CA ILE A 115 17.28 6.62 17.57
C ILE A 115 16.94 7.99 18.14
N GLY A 116 16.06 8.72 17.47
CA GLY A 116 15.66 10.02 17.97
C GLY A 116 14.94 9.94 19.31
N TRP A 117 14.03 8.97 19.44
CA TRP A 117 13.30 8.80 20.70
C TRP A 117 14.28 8.51 21.84
N MET A 118 15.22 7.60 21.61
CA MET A 118 16.16 7.23 22.67
C MET A 118 17.14 8.35 22.97
N THR A 119 17.54 9.12 21.96
CA THR A 119 18.51 10.19 22.11
C THR A 119 17.88 11.54 22.40
N HIS A 120 16.55 11.60 22.52
CA HIS A 120 15.87 12.85 22.83
C HIS A 120 16.35 13.41 24.16
N ASN A 121 16.46 14.74 24.24
CA ASN A 121 16.93 15.38 25.48
C ASN A 121 16.12 14.92 26.68
N PRO A 122 14.79 14.90 26.65
CA PRO A 122 14.04 14.06 27.57
C PRO A 122 13.77 12.71 26.94
N PRO A 123 14.62 11.72 27.20
CA PRO A 123 14.56 10.47 26.41
C PRO A 123 13.27 9.70 26.65
N ILE A 124 12.79 9.08 25.59
CA ILE A 124 11.71 8.09 25.66
C ILE A 124 12.31 6.75 25.24
N PRO A 125 12.27 5.73 26.10
CA PRO A 125 13.04 4.49 25.86
C PRO A 125 12.27 3.45 25.04
N VAL A 126 12.06 3.75 23.76
CA VAL A 126 11.26 2.86 22.93
C VAL A 126 11.90 1.47 22.87
N GLY A 127 13.22 1.40 22.81
CA GLY A 127 13.88 0.10 22.80
C GLY A 127 13.71 -0.65 24.10
N GLU A 128 13.84 0.03 25.23
CA GLU A 128 13.73 -0.64 26.52
C GLU A 128 12.29 -1.06 26.80
N ILE A 129 11.32 -0.25 26.40
CA ILE A 129 9.92 -0.67 26.52
C ILE A 129 9.69 -1.94 25.73
N TYR A 130 10.13 -1.96 24.47
CA TYR A 130 10.00 -3.17 23.66
C TYR A 130 10.73 -4.34 24.32
N LYS A 131 11.93 -4.09 24.84
CA LYS A 131 12.68 -5.17 25.47
C LYS A 131 11.92 -5.76 26.66
N ARG A 132 11.22 -4.92 27.41
CA ARG A 132 10.39 -5.44 28.49
C ARG A 132 9.28 -6.33 27.97
N TRP A 133 8.63 -5.92 26.88
CA TRP A 133 7.59 -6.77 26.28
C TRP A 133 8.18 -8.10 25.84
N ILE A 134 9.32 -8.04 25.14
CA ILE A 134 9.97 -9.27 24.69
C ILE A 134 10.29 -10.17 25.88
N ILE A 135 10.85 -9.60 26.95
CA ILE A 135 11.25 -10.40 28.10
C ILE A 135 10.04 -11.04 28.77
N LEU A 136 8.91 -10.34 28.78
CA LEU A 136 7.69 -10.94 29.30
C LEU A 136 7.30 -12.18 28.50
N GLY A 137 7.37 -12.08 27.16
CA GLY A 137 7.09 -13.25 26.34
C GLY A 137 8.09 -14.36 26.56
N LEU A 138 9.37 -14.01 26.72
CA LEU A 138 10.38 -15.02 27.01
C LEU A 138 10.07 -15.75 28.30
N ASN A 139 9.64 -15.02 29.33
CA ASN A 139 9.26 -15.66 30.59
C ASN A 139 8.06 -16.59 30.39
N LYS A 140 7.08 -16.17 29.60
CA LYS A 140 5.97 -17.06 29.25
C LYS A 140 6.47 -18.32 28.55
N ILE A 141 7.44 -18.17 27.65
CA ILE A 141 7.96 -19.32 26.91
C ILE A 141 8.70 -20.27 27.83
N VAL A 142 9.54 -19.73 28.72
CA VAL A 142 10.32 -20.58 29.62
C VAL A 142 9.40 -21.38 30.53
N ARG A 143 8.39 -20.72 31.10
CA ARG A 143 7.47 -21.41 31.99
C ARG A 143 6.70 -22.49 31.24
N MET A 144 6.25 -22.19 30.02
CA MET A 144 5.55 -23.19 29.22
C MET A 144 6.46 -24.37 28.89
N TYR A 145 7.71 -24.09 28.54
CA TYR A 145 8.65 -25.11 28.10
C TYR A 145 9.42 -25.76 29.24
N SER A 146 9.07 -25.45 30.49
CA SER A 146 9.66 -26.12 31.64
C SER A 146 8.77 -27.28 32.02
N PRO A 147 9.20 -28.54 31.82
CA PRO A 147 8.32 -29.66 32.23
C PRO A 147 8.15 -29.77 33.73
N THR A 148 9.20 -29.46 34.49
CA THR A 148 9.20 -29.72 35.92
C THR A 148 8.16 -28.87 36.64
N SER A 149 7.59 -29.45 37.70
CA SER A 149 6.72 -28.74 38.63
C SER A 149 7.31 -28.85 40.03
N ILE A 150 7.30 -27.74 40.77
CA ILE A 150 7.97 -27.72 42.07
C ILE A 150 7.39 -28.80 42.98
N LEU A 151 6.08 -29.05 42.89
CA LEU A 151 5.48 -30.14 43.64
C LEU A 151 5.98 -31.49 43.15
N ASP A 152 6.21 -31.62 41.85
CA ASP A 152 6.69 -32.89 41.30
C ASP A 152 8.11 -33.21 41.77
N ILE A 153 8.94 -32.18 41.98
CA ILE A 153 10.31 -32.41 42.40
C ILE A 153 10.33 -33.09 43.76
N ARG A 154 11.08 -34.18 43.86
CA ARG A 154 11.20 -34.93 45.11
C ARG A 154 12.56 -35.62 45.16
N GLN A 155 13.06 -35.81 46.37
CA GLN A 155 14.38 -36.39 46.59
C GLN A 155 14.25 -37.90 46.72
N GLY A 156 14.97 -38.63 45.87
CA GLY A 156 15.10 -40.06 46.04
C GLY A 156 16.01 -40.34 47.21
N PRO A 157 15.80 -41.47 47.89
CA PRO A 157 16.73 -41.84 48.96
C PRO A 157 18.15 -41.97 48.46
N LYS A 158 18.33 -42.56 47.27
CA LYS A 158 19.64 -42.62 46.65
C LYS A 158 20.15 -41.24 46.25
N GLU A 159 19.24 -40.34 45.87
CA GLU A 159 19.65 -39.03 45.37
C GLU A 159 20.24 -38.19 46.49
N PRO A 160 21.31 -37.44 46.23
CA PRO A 160 21.81 -36.49 47.24
C PRO A 160 20.81 -35.38 47.47
N PHE A 161 20.77 -34.89 48.72
CA PHE A 161 19.91 -33.76 49.03
C PHE A 161 20.32 -32.55 48.19
N ARG A 162 21.62 -32.33 48.02
CA ARG A 162 22.07 -31.16 47.28
C ARG A 162 21.72 -31.26 45.80
N ASP A 163 21.75 -32.47 45.23
CA ASP A 163 21.29 -32.65 43.86
C ASP A 163 19.79 -32.41 43.75
N TYR A 164 19.02 -32.93 44.70
CA TYR A 164 17.59 -32.64 44.72
C TYR A 164 17.33 -31.16 44.90
N VAL A 165 18.10 -30.51 45.78
CA VAL A 165 17.91 -29.08 46.02
C VAL A 165 18.20 -28.29 44.75
N ASP A 166 19.22 -28.69 43.98
CA ASP A 166 19.47 -28.07 42.69
C ASP A 166 18.23 -28.16 41.78
N ARG A 167 17.68 -29.37 41.65
CA ARG A 167 16.51 -29.56 40.81
C ARG A 167 15.33 -28.75 41.31
N PHE A 168 15.10 -28.75 42.63
CA PHE A 168 13.98 -28.03 43.21
C PHE A 168 14.04 -26.55 42.85
N TYR A 169 15.21 -25.93 43.05
CA TYR A 169 15.35 -24.51 42.76
C TYR A 169 15.45 -24.24 41.26
N LYS A 170 15.99 -25.18 40.49
CA LYS A 170 15.93 -25.07 39.04
C LYS A 170 14.48 -25.08 38.55
N THR A 171 13.66 -25.97 39.10
CA THR A 171 12.25 -26.01 38.74
C THR A 171 11.53 -24.73 39.13
N LEU A 172 11.89 -24.18 40.30
CA LEU A 172 11.30 -22.92 40.74
C LEU A 172 11.74 -21.77 39.84
N ARG A 173 13.00 -21.80 39.38
CA ARG A 173 13.45 -20.79 38.43
C ARG A 173 12.79 -20.99 37.08
N ALA A 174 12.64 -22.25 36.65
CA ALA A 174 12.08 -22.52 35.33
C ALA A 174 10.63 -22.08 35.25
N GLU A 175 9.89 -22.20 36.35
CA GLU A 175 8.48 -21.85 36.40
C GLU A 175 8.34 -20.46 37.00
N GLN A 176 7.96 -19.49 36.17
CA GLN A 176 7.81 -18.12 36.65
C GLN A 176 6.81 -18.08 37.80
N ALA A 177 7.17 -17.36 38.85
CA ALA A 177 6.34 -17.30 40.06
C ALA A 177 6.69 -16.03 40.82
N SER A 178 5.75 -15.61 41.66
CA SER A 178 6.03 -14.49 42.57
C SER A 178 7.07 -14.91 43.59
N GLN A 179 7.93 -13.96 43.99
CA GLN A 179 9.01 -14.29 44.92
C GLN A 179 8.44 -14.86 46.23
N GLU A 180 7.29 -14.34 46.67
CA GLU A 180 6.66 -14.90 47.86
C GLU A 180 6.21 -16.33 47.63
N VAL A 181 5.65 -16.62 46.45
CA VAL A 181 5.25 -17.99 46.14
C VAL A 181 6.46 -18.90 46.15
N LYS A 182 7.56 -18.47 45.53
CA LYS A 182 8.77 -19.28 45.50
C LYS A 182 9.31 -19.50 46.91
N ASN A 183 9.26 -18.47 47.75
CA ASN A 183 9.63 -18.64 49.15
C ASN A 183 8.70 -19.62 49.85
N ALA A 184 7.40 -19.54 49.56
CA ALA A 184 6.45 -20.45 50.19
C ALA A 184 6.71 -21.89 49.80
N ALA A 185 6.97 -22.14 48.51
CA ALA A 185 7.35 -23.48 48.08
C ALA A 185 8.65 -23.91 48.75
N THR A 186 9.64 -23.01 48.82
CA THR A 186 10.90 -23.34 49.46
C THR A 186 10.71 -23.68 50.93
N GLU A 187 9.84 -22.94 51.62
CA GLU A 187 9.66 -23.16 53.06
C GLU A 187 9.05 -24.53 53.34
N THR A 188 8.02 -24.91 52.59
CA THR A 188 7.24 -26.11 52.89
C THR A 188 7.64 -27.31 52.04
N LEU A 189 7.74 -27.14 50.73
CA LEU A 189 7.92 -28.28 49.83
C LEU A 189 9.32 -28.90 49.96
N LEU A 190 10.34 -28.06 50.15
CA LEU A 190 11.71 -28.56 50.03
C LEU A 190 12.01 -29.64 51.05
N VAL A 191 11.56 -29.45 52.30
CA VAL A 191 11.76 -30.49 53.30
C VAL A 191 10.80 -31.65 53.07
N GLN A 192 9.53 -31.34 52.77
CA GLN A 192 8.53 -32.40 52.63
C GLN A 192 8.82 -33.29 51.42
N ASN A 193 9.24 -32.69 50.31
CA ASN A 193 9.62 -33.49 49.15
C ASN A 193 10.93 -34.24 49.36
N ALA A 194 11.79 -33.77 50.27
CA ALA A 194 13.04 -34.46 50.54
C ALA A 194 12.79 -35.84 51.14
N ASN A 195 13.77 -36.73 50.96
CA ASN A 195 13.61 -38.10 51.42
C ASN A 195 13.63 -38.14 52.94
N PRO A 196 13.05 -39.19 53.54
CA PRO A 196 12.81 -39.15 55.00
C PRO A 196 14.08 -39.09 55.84
N ASP A 197 15.12 -39.84 55.46
CA ASP A 197 16.36 -39.80 56.24
C ASP A 197 16.93 -38.38 56.27
N CYS A 198 17.01 -37.73 55.11
CA CYS A 198 17.40 -36.33 55.08
C CYS A 198 16.35 -35.46 55.77
N LYS A 199 15.06 -35.78 55.58
CA LYS A 199 14.00 -34.95 56.13
C LYS A 199 14.06 -34.87 57.64
N THR A 200 14.31 -36.00 58.31
CA THR A 200 14.39 -35.98 59.77
C THR A 200 15.55 -35.12 60.25
N ILE A 201 16.65 -35.11 59.50
CA ILE A 201 17.76 -34.21 59.82
C ILE A 201 17.32 -32.77 59.69
N LEU A 202 16.64 -32.45 58.58
CA LEU A 202 16.12 -31.10 58.37
C LEU A 202 15.20 -30.68 59.50
N LYS A 203 14.31 -31.60 59.92
CA LYS A 203 13.43 -31.30 61.05
C LYS A 203 14.23 -31.08 62.33
N ALA A 204 15.34 -31.79 62.49
CA ALA A 204 16.20 -31.57 63.65
C ALA A 204 16.79 -30.17 63.63
N LEU A 205 17.18 -29.68 62.45
CA LEU A 205 17.72 -28.33 62.37
C LEU A 205 16.67 -27.30 62.77
N GLY A 206 15.41 -27.53 62.40
CA GLY A 206 14.34 -26.62 62.73
C GLY A 206 14.10 -25.61 61.63
N PRO A 207 13.06 -24.80 61.78
CA PRO A 207 12.71 -23.86 60.70
C PRO A 207 13.79 -22.82 60.43
N GLY A 208 14.43 -22.31 61.48
CA GLY A 208 15.44 -21.29 61.32
C GLY A 208 16.82 -21.85 60.99
N ALA A 209 17.00 -22.31 59.75
CA ALA A 209 18.27 -22.84 59.30
C ALA A 209 18.53 -22.39 57.87
N THR A 210 19.79 -22.09 57.57
CA THR A 210 20.18 -21.75 56.20
C THR A 210 20.06 -22.99 55.32
N LEU A 211 19.87 -22.75 54.01
CA LEU A 211 19.94 -23.87 53.08
C LEU A 211 21.30 -24.55 53.17
N GLU A 212 22.36 -23.77 53.44
CA GLU A 212 23.66 -24.37 53.70
C GLU A 212 23.60 -25.30 54.90
N GLU A 213 23.00 -24.85 56.00
CA GLU A 213 22.85 -25.70 57.18
C GLU A 213 22.08 -26.97 56.83
N MET A 214 20.93 -26.82 56.16
CA MET A 214 20.17 -27.99 55.73
C MET A 214 21.03 -28.92 54.89
N MET A 215 21.77 -28.35 53.94
CA MET A 215 22.56 -29.16 53.02
C MET A 215 23.70 -29.88 53.74
N THR A 216 24.44 -29.15 54.57
CA THR A 216 25.55 -29.78 55.29
C THR A 216 25.04 -30.87 56.21
N ALA A 217 23.85 -30.69 56.80
CA ALA A 217 23.31 -31.68 57.72
C ALA A 217 22.92 -32.96 56.99
N CYS A 218 22.27 -32.85 55.84
CA CYS A 218 21.93 -34.04 55.06
C CYS A 218 23.12 -34.61 54.33
N GLN A 219 24.13 -33.79 54.02
CA GLN A 219 25.37 -34.31 53.46
C GLN A 219 26.03 -35.28 54.45
N GLY A 220 26.63 -36.33 53.91
CA GLY A 220 27.31 -37.30 54.74
C GLY A 220 28.01 -38.39 53.93
N PRO B 1 32.71 -0.21 5.42
CA PRO B 1 31.42 0.38 5.81
C PRO B 1 31.55 1.85 6.18
N ILE B 2 30.43 2.56 6.26
CA ILE B 2 30.39 3.97 6.60
C ILE B 2 29.98 4.04 8.06
N VAL B 3 30.96 4.11 8.94
CA VAL B 3 30.72 4.22 10.37
C VAL B 3 30.96 5.66 10.80
N GLN B 4 30.55 5.99 12.03
CA GLN B 4 30.66 7.35 12.56
C GLN B 4 31.87 7.42 13.49
N ASN B 5 32.86 8.22 13.10
CA ASN B 5 33.96 8.52 14.00
C ASN B 5 33.46 9.40 15.15
N LEU B 6 34.31 9.57 16.15
CA LEU B 6 33.94 10.40 17.28
C LEU B 6 33.83 11.88 16.92
N GLN B 7 34.20 12.26 15.70
CA GLN B 7 34.05 13.63 15.22
C GLN B 7 32.68 13.89 14.64
N GLY B 8 31.80 12.88 14.63
CA GLY B 8 30.48 13.03 14.08
C GLY B 8 30.39 13.04 12.58
N GLN B 9 31.51 12.85 11.88
CA GLN B 9 31.52 12.76 10.42
C GLN B 9 31.55 11.29 10.04
N MET B 10 30.53 10.84 9.30
CA MET B 10 30.47 9.46 8.84
C MET B 10 31.64 9.14 7.92
N VAL B 11 32.56 8.31 8.41
CA VAL B 11 33.79 7.97 7.68
C VAL B 11 33.70 6.52 7.22
N HIS B 12 34.42 6.23 6.14
CA HIS B 12 34.44 4.89 5.56
C HIS B 12 35.51 4.05 6.23
N GLN B 13 35.09 3.02 6.95
CA GLN B 13 35.99 2.08 7.59
C GLN B 13 36.03 0.78 6.79
N CYS B 14 37.07 -0.01 7.03
CA CYS B 14 37.23 -1.28 6.34
C CYS B 14 36.36 -2.36 6.95
N ILE B 15 35.77 -3.20 6.10
CA ILE B 15 34.90 -4.26 6.58
C ILE B 15 35.71 -5.23 7.42
N SER B 16 35.36 -5.37 8.69
CA SER B 16 36.18 -6.13 9.61
C SER B 16 36.22 -7.60 9.20
N PRO B 17 37.34 -8.29 9.44
CA PRO B 17 37.35 -9.73 9.14
C PRO B 17 36.29 -10.49 9.90
N ARG B 18 36.01 -10.07 11.14
CA ARG B 18 34.96 -10.71 11.92
C ARG B 18 33.64 -10.68 11.15
N THR B 19 33.33 -9.56 10.51
CA THR B 19 32.08 -9.46 9.75
C THR B 19 32.08 -10.41 8.57
N LEU B 20 33.17 -10.45 7.81
CA LEU B 20 33.25 -11.37 6.69
C LEU B 20 33.05 -12.81 7.13
N ASN B 21 33.93 -13.29 8.02
CA ASN B 21 33.86 -14.68 8.47
C ASN B 21 32.45 -15.03 8.94
N ALA B 22 31.85 -14.16 9.78
CA ALA B 22 30.50 -14.41 10.26
C ALA B 22 29.53 -14.65 9.11
N TRP B 23 29.67 -13.87 8.04
CA TRP B 23 28.78 -14.04 6.89
C TRP B 23 29.08 -15.32 6.14
N VAL B 24 30.36 -15.70 6.03
CA VAL B 24 30.71 -16.93 5.34
C VAL B 24 30.20 -18.14 6.11
N LYS B 25 30.28 -18.08 7.44
CA LYS B 25 29.91 -19.24 8.24
C LYS B 25 28.40 -19.42 8.32
N VAL B 26 27.65 -18.33 8.41
CA VAL B 26 26.20 -18.45 8.47
C VAL B 26 25.67 -19.06 7.16
N VAL B 27 26.31 -18.72 6.04
CA VAL B 27 25.89 -19.29 4.77
C VAL B 27 26.29 -20.76 4.69
N GLU B 28 27.50 -21.08 5.15
CA GLU B 28 27.94 -22.48 5.13
C GLU B 28 27.16 -23.30 6.16
N GLU B 29 26.94 -22.75 7.34
CA GLU B 29 26.29 -23.52 8.40
C GLU B 29 24.77 -23.52 8.25
N LYS B 30 24.18 -22.34 8.14
CA LYS B 30 22.72 -22.22 8.08
C LYS B 30 22.17 -22.19 6.66
N ALA B 31 23.02 -22.11 5.64
CA ALA B 31 22.54 -22.08 4.27
C ALA B 31 21.48 -20.99 4.12
N PHE B 32 20.46 -21.22 3.31
CA PHE B 32 19.43 -20.20 3.04
C PHE B 32 18.18 -20.41 3.87
N SER B 33 18.35 -20.66 5.16
CA SER B 33 17.23 -20.67 6.08
C SER B 33 16.79 -19.22 6.33
N PRO B 34 15.59 -19.03 6.90
CA PRO B 34 15.11 -17.66 7.10
C PRO B 34 16.04 -16.78 7.92
N GLU B 35 16.74 -17.35 8.91
CA GLU B 35 17.62 -16.55 9.75
C GLU B 35 18.84 -16.03 9.01
N VAL B 36 19.00 -16.33 7.73
CA VAL B 36 20.10 -15.77 6.97
C VAL B 36 19.81 -14.34 6.53
N ILE B 37 18.54 -13.95 6.48
CA ILE B 37 18.16 -12.60 6.07
C ILE B 37 18.51 -11.62 7.18
N PRO B 38 18.13 -11.89 8.44
CA PRO B 38 18.54 -10.99 9.52
C PRO B 38 20.05 -10.90 9.68
N MET B 39 20.75 -12.03 9.65
CA MET B 39 22.21 -12.00 9.79
C MET B 39 22.84 -11.12 8.71
N PHE B 40 22.38 -11.26 7.46
CA PHE B 40 22.90 -10.40 6.41
C PHE B 40 22.59 -8.95 6.68
N SER B 41 21.33 -8.64 6.99
CA SER B 41 20.93 -7.27 7.26
C SER B 41 21.75 -6.67 8.40
N ALA B 42 22.08 -7.48 9.41
CA ALA B 42 22.85 -6.98 10.53
C ALA B 42 24.34 -6.91 10.19
N LEU B 43 24.86 -7.94 9.53
CA LEU B 43 26.27 -7.94 9.15
C LEU B 43 26.55 -6.90 8.06
N SER B 44 25.53 -6.50 7.31
CA SER B 44 25.67 -5.47 6.29
C SER B 44 25.36 -4.08 6.83
N CYS B 45 25.16 -3.95 8.13
CA CYS B 45 24.81 -2.67 8.73
C CYS B 45 25.84 -1.61 8.35
N GLY B 46 25.38 -0.59 7.62
CA GLY B 46 26.25 0.51 7.24
C GLY B 46 27.22 0.18 6.13
N ALA B 47 26.87 -0.75 5.27
CA ALA B 47 27.77 -1.20 4.23
C ALA B 47 27.57 -0.42 2.93
N THR B 48 28.67 -0.24 2.21
CA THR B 48 28.61 0.35 0.88
C THR B 48 28.26 -0.72 -0.15
N PRO B 49 27.74 -0.33 -1.31
CA PRO B 49 27.43 -1.33 -2.35
C PRO B 49 28.61 -2.24 -2.65
N GLN B 50 29.83 -1.71 -2.58
CA GLN B 50 31.01 -2.55 -2.78
C GLN B 50 31.20 -3.50 -1.61
N ASP B 51 30.92 -3.03 -0.39
CA ASP B 51 30.99 -3.91 0.76
C ASP B 51 29.98 -5.05 0.64
N LEU B 52 28.80 -4.75 0.11
CA LEU B 52 27.79 -5.79 -0.10
C LEU B 52 28.27 -6.79 -1.13
N ASN B 53 28.69 -6.32 -2.31
CA ASN B 53 29.21 -7.22 -3.33
C ASN B 53 30.30 -8.11 -2.75
N THR B 54 31.20 -7.53 -1.96
CA THR B 54 32.24 -8.33 -1.32
C THR B 54 31.63 -9.50 -0.57
N MET B 55 30.64 -9.22 0.28
CA MET B 55 30.01 -10.29 1.04
C MET B 55 29.40 -11.34 0.12
N LEU B 56 28.58 -10.89 -0.84
CA LEU B 56 27.95 -11.83 -1.76
C LEU B 56 28.98 -12.65 -2.51
N ASN B 57 30.08 -12.02 -2.92
CA ASN B 57 31.11 -12.75 -3.67
C ASN B 57 31.88 -13.72 -2.79
N THR B 58 31.91 -13.49 -1.47
CA THR B 58 32.57 -14.43 -0.57
C THR B 58 31.76 -15.71 -0.38
N VAL B 59 30.47 -15.68 -0.73
CA VAL B 59 29.61 -16.84 -0.58
C VAL B 59 30.13 -17.97 -1.44
N GLY B 60 30.68 -19.01 -0.81
CA GLY B 60 31.11 -20.18 -1.53
C GLY B 60 29.96 -21.13 -1.78
N GLY B 61 29.73 -21.49 -3.04
CA GLY B 61 28.65 -22.39 -3.38
C GLY B 61 27.34 -21.66 -3.63
N HIS B 62 26.27 -22.45 -3.65
CA HIS B 62 24.92 -21.93 -3.90
C HIS B 62 24.90 -20.96 -5.07
N GLN B 63 25.76 -21.20 -6.06
CA GLN B 63 25.89 -20.25 -7.16
C GLN B 63 24.58 -20.07 -7.91
N ALA B 64 23.72 -21.10 -7.92
CA ALA B 64 22.39 -20.95 -8.49
C ALA B 64 21.64 -19.82 -7.78
N ALA B 65 21.52 -19.93 -6.46
CA ALA B 65 20.90 -18.86 -5.69
C ALA B 65 21.54 -17.52 -6.02
N MET B 66 22.86 -17.50 -6.21
CA MET B 66 23.55 -16.25 -6.49
C MET B 66 23.14 -15.68 -7.83
N GLN B 67 22.84 -16.52 -8.83
CA GLN B 67 22.41 -16.00 -10.12
C GLN B 67 21.02 -15.40 -10.03
N MET B 68 20.09 -16.11 -9.39
CA MET B 68 18.77 -15.53 -9.15
C MET B 68 18.91 -14.19 -8.44
N LEU B 69 19.81 -14.10 -7.48
CA LEU B 69 20.07 -12.83 -6.81
C LEU B 69 20.45 -11.75 -7.81
N LYS B 70 21.43 -12.04 -8.67
CA LYS B 70 21.80 -11.08 -9.71
C LYS B 70 20.60 -10.73 -10.59
N GLU B 71 19.75 -11.71 -10.87
CA GLU B 71 18.56 -11.44 -11.68
C GLU B 71 17.62 -10.49 -10.95
N THR B 72 17.37 -10.75 -9.66
CA THR B 72 16.51 -9.86 -8.89
C THR B 72 17.11 -8.47 -8.79
N ILE B 73 18.42 -8.38 -8.57
CA ILE B 73 19.08 -7.08 -8.54
C ILE B 73 18.89 -6.38 -9.88
N ASN B 74 19.11 -7.11 -10.97
CA ASN B 74 18.86 -6.54 -12.30
C ASN B 74 17.41 -6.06 -12.41
N GLU B 75 16.46 -6.85 -11.90
CA GLU B 75 15.06 -6.46 -11.93
C GLU B 75 14.84 -5.16 -11.17
N GLU B 76 15.21 -5.13 -9.89
CA GLU B 76 14.98 -3.95 -9.08
C GLU B 76 15.76 -2.75 -9.61
N ALA B 77 17.00 -2.98 -10.06
CA ALA B 77 17.76 -1.87 -10.63
C ALA B 77 17.05 -1.28 -11.84
N ALA B 78 16.31 -2.10 -12.59
CA ALA B 78 15.50 -1.59 -13.68
C ALA B 78 14.31 -0.78 -13.16
N GLU B 79 13.81 -1.12 -11.97
CA GLU B 79 12.75 -0.32 -11.35
C GLU B 79 13.29 1.01 -10.81
N TRP B 80 14.59 1.09 -10.54
CA TRP B 80 15.15 2.36 -10.11
C TRP B 80 15.30 3.33 -11.28
N ASP B 81 15.65 2.82 -12.46
CA ASP B 81 15.81 3.67 -13.62
C ASP B 81 14.47 4.05 -14.24
N ARG B 82 13.46 3.18 -14.12
CA ARG B 82 12.13 3.49 -14.64
C ARG B 82 11.38 4.47 -13.74
N LEU B 83 11.80 4.63 -12.49
CA LEU B 83 11.21 5.59 -11.57
C LEU B 83 12.10 6.78 -11.30
N HIS B 84 13.41 6.68 -11.57
CA HIS B 84 14.35 7.78 -11.37
C HIS B 84 15.08 7.98 -12.70
N PRO B 85 14.54 8.82 -13.58
CA PRO B 85 15.26 9.10 -14.83
C PRO B 85 16.55 9.84 -14.57
N VAL B 86 17.55 9.59 -15.42
CA VAL B 86 18.85 10.24 -15.25
C VAL B 86 18.69 11.75 -15.43
N HIS B 87 19.37 12.52 -14.58
CA HIS B 87 19.23 13.97 -14.48
C HIS B 87 20.56 14.63 -14.81
N ALA B 88 20.73 15.03 -16.07
CA ALA B 88 22.01 15.49 -16.58
C ALA B 88 22.07 17.02 -16.64
N GLY B 89 23.01 17.61 -15.90
CA GLY B 89 23.27 19.04 -16.00
C GLY B 89 24.74 19.35 -16.17
N PRO B 90 25.27 20.37 -15.48
CA PRO B 90 26.72 20.39 -15.16
C PRO B 90 27.10 19.68 -13.84
N ILE B 91 28.35 19.81 -13.31
CA ILE B 91 28.77 19.46 -11.92
C ILE B 91 28.96 20.70 -11.04
N ALA B 92 28.37 20.63 -9.84
CA ALA B 92 28.34 21.68 -8.83
C ALA B 92 29.27 21.34 -7.68
N PRO B 93 29.58 22.28 -6.80
CA PRO B 93 30.29 21.93 -5.55
C PRO B 93 29.41 21.72 -4.32
N GLY B 94 28.09 21.77 -4.45
CA GLY B 94 27.25 21.38 -3.34
C GLY B 94 26.85 19.92 -3.37
N GLN B 95 26.48 19.41 -4.55
CA GLN B 95 25.62 18.23 -4.63
C GLN B 95 26.22 17.14 -5.50
N MET B 96 25.73 15.92 -5.27
CA MET B 96 26.10 14.75 -6.06
C MET B 96 25.16 14.59 -7.26
N ARG B 97 25.70 13.99 -8.32
CA ARG B 97 24.89 13.59 -9.47
C ARG B 97 23.84 12.56 -9.08
N GLU B 98 22.83 12.48 -9.93
CA GLU B 98 21.73 11.56 -9.74
C GLU B 98 22.24 10.13 -9.86
N PRO B 99 22.04 9.29 -8.83
CA PRO B 99 22.47 7.90 -8.93
C PRO B 99 21.63 7.12 -9.93
N ARG B 100 22.25 6.10 -10.53
CA ARG B 100 21.58 5.21 -11.46
C ARG B 100 21.43 3.83 -10.84
N GLY B 101 20.52 3.04 -11.44
CA GLY B 101 20.27 1.71 -10.92
C GLY B 101 21.52 0.86 -10.87
N SER B 102 22.34 0.91 -11.92
CA SER B 102 23.59 0.17 -11.92
C SER B 102 24.57 0.71 -10.89
N ASP B 103 24.56 2.04 -10.68
CA ASP B 103 25.44 2.62 -9.67
C ASP B 103 25.12 2.08 -8.28
N ILE B 104 23.84 1.90 -7.98
CA ILE B 104 23.45 1.37 -6.67
C ILE B 104 23.98 -0.04 -6.50
N ALA B 105 23.90 -0.86 -7.55
CA ALA B 105 24.39 -2.23 -7.49
C ALA B 105 25.91 -2.31 -7.44
N GLY B 106 26.62 -1.19 -7.50
CA GLY B 106 28.07 -1.20 -7.46
C GLY B 106 28.74 -1.61 -8.75
N THR B 107 27.96 -2.01 -9.77
CA THR B 107 28.56 -2.39 -11.04
C THR B 107 29.26 -1.20 -11.68
N THR B 108 28.54 -0.08 -11.79
CA THR B 108 29.01 1.11 -12.49
C THR B 108 29.26 2.28 -11.54
N SER B 109 29.70 1.99 -10.32
CA SER B 109 30.00 3.03 -9.35
C SER B 109 31.27 2.66 -8.60
N THR B 110 32.12 3.66 -8.37
CA THR B 110 33.33 3.46 -7.58
C THR B 110 33.01 3.66 -6.11
N LEU B 111 33.98 3.26 -5.27
CA LEU B 111 33.78 3.37 -3.82
C LEU B 111 33.63 4.83 -3.40
N GLN B 112 34.46 5.72 -3.97
CA GLN B 112 34.35 7.14 -3.62
C GLN B 112 32.97 7.69 -3.96
N GLU B 113 32.50 7.41 -5.18
CA GLU B 113 31.18 7.85 -5.59
C GLU B 113 30.10 7.22 -4.71
N GLN B 114 30.21 5.92 -4.43
CA GLN B 114 29.30 5.29 -3.47
C GLN B 114 29.40 5.98 -2.10
N ILE B 115 30.63 6.10 -1.58
CA ILE B 115 30.82 6.72 -0.26
C ILE B 115 30.16 8.10 -0.22
N GLY B 116 30.39 8.91 -1.25
CA GLY B 116 29.87 10.27 -1.24
C GLY B 116 28.36 10.31 -1.14
N TRP B 117 27.67 9.42 -1.88
CA TRP B 117 26.21 9.43 -1.87
C TRP B 117 25.68 9.19 -0.47
N MET B 118 26.34 8.31 0.28
CA MET B 118 25.92 8.01 1.65
C MET B 118 26.32 9.12 2.61
N THR B 119 27.45 9.78 2.35
CA THR B 119 27.93 10.89 3.18
C THR B 119 27.68 12.19 2.44
N HIS B 120 26.40 12.59 2.41
CA HIS B 120 25.96 13.78 1.70
C HIS B 120 25.01 14.57 2.58
N ASN B 121 25.13 15.90 2.53
CA ASN B 121 24.24 16.77 3.30
C ASN B 121 22.78 16.37 3.11
N PRO B 122 22.25 16.29 1.89
CA PRO B 122 21.04 15.52 1.66
C PRO B 122 21.38 14.09 1.29
N PRO B 123 21.40 13.18 2.26
CA PRO B 123 21.92 11.83 1.99
C PRO B 123 20.97 11.01 1.13
N ILE B 124 21.52 10.37 0.10
CA ILE B 124 20.81 9.40 -0.72
C ILE B 124 21.42 8.03 -0.44
N PRO B 125 20.70 7.11 0.21
CA PRO B 125 21.35 5.90 0.72
C PRO B 125 21.47 4.79 -0.31
N VAL B 126 22.59 4.75 -1.04
CA VAL B 126 22.79 3.70 -2.02
C VAL B 126 23.02 2.36 -1.33
N GLY B 127 23.54 2.37 -0.11
CA GLY B 127 23.76 1.11 0.60
C GLY B 127 22.45 0.48 1.05
N GLU B 128 21.58 1.26 1.69
CA GLU B 128 20.32 0.72 2.17
C GLU B 128 19.37 0.40 1.03
N ILE B 129 19.47 1.13 -0.08
CA ILE B 129 18.69 0.78 -1.27
C ILE B 129 19.16 -0.55 -1.83
N TYR B 130 20.47 -0.68 -2.07
CA TYR B 130 21.02 -1.94 -2.56
C TYR B 130 20.67 -3.09 -1.62
N LYS B 131 20.89 -2.88 -0.31
CA LYS B 131 20.54 -3.92 0.66
C LYS B 131 19.06 -4.27 0.58
N ARG B 132 18.21 -3.30 0.28
CA ARG B 132 16.78 -3.57 0.21
C ARG B 132 16.48 -4.56 -0.93
N TRP B 133 17.12 -4.38 -2.08
CA TRP B 133 16.92 -5.30 -3.20
C TRP B 133 17.44 -6.70 -2.84
N ILE B 134 18.62 -6.76 -2.25
CA ILE B 134 19.23 -8.06 -1.95
C ILE B 134 18.31 -8.89 -1.04
N ILE B 135 17.85 -8.28 0.06
CA ILE B 135 17.00 -9.03 0.99
C ILE B 135 15.74 -9.51 0.29
N LEU B 136 15.23 -8.74 -0.69
CA LEU B 136 14.10 -9.23 -1.47
C LEU B 136 14.50 -10.43 -2.30
N GLY B 137 15.68 -10.38 -2.93
CA GLY B 137 16.15 -11.52 -3.69
C GLY B 137 16.37 -12.75 -2.83
N LEU B 138 16.81 -12.56 -1.58
CA LEU B 138 16.99 -13.70 -0.69
C LEU B 138 15.66 -14.26 -0.20
N ASN B 139 14.61 -13.42 -0.18
CA ASN B 139 13.29 -13.93 0.14
C ASN B 139 12.78 -14.87 -0.94
N LYS B 140 13.17 -14.64 -2.20
CA LYS B 140 12.81 -15.56 -3.26
C LYS B 140 13.60 -16.86 -3.13
N ILE B 141 14.83 -16.79 -2.64
CA ILE B 141 15.64 -17.98 -2.43
C ILE B 141 15.07 -18.81 -1.29
N VAL B 142 14.83 -18.17 -0.15
CA VAL B 142 14.28 -18.91 1.00
C VAL B 142 12.95 -19.53 0.64
N ARG B 143 12.12 -18.79 -0.10
CA ARG B 143 10.85 -19.36 -0.58
C ARG B 143 11.12 -20.60 -1.43
N MET B 144 12.00 -20.45 -2.42
CA MET B 144 12.32 -21.58 -3.31
C MET B 144 12.92 -22.74 -2.52
N TYR B 145 14.04 -22.49 -1.83
CA TYR B 145 14.74 -23.56 -1.13
C TYR B 145 13.96 -24.13 0.03
N SER B 146 12.74 -23.64 0.29
CA SER B 146 11.85 -24.26 1.27
C SER B 146 11.12 -25.41 0.60
N PRO B 147 11.41 -26.67 0.95
CA PRO B 147 10.72 -27.78 0.28
C PRO B 147 9.28 -27.92 0.73
N THR B 148 8.95 -27.51 1.95
CA THR B 148 7.62 -27.71 2.50
C THR B 148 6.67 -26.62 2.03
N SER B 149 5.39 -26.97 1.98
CA SER B 149 4.31 -26.02 1.82
C SER B 149 3.44 -26.07 3.06
N ILE B 150 2.98 -24.90 3.51
CA ILE B 150 2.21 -24.83 4.75
C ILE B 150 1.02 -25.79 4.70
N LEU B 151 0.51 -26.08 3.50
CA LEU B 151 -0.59 -27.01 3.39
C LEU B 151 -0.16 -28.44 3.73
N ASP B 152 1.08 -28.80 3.39
CA ASP B 152 1.58 -30.14 3.66
C ASP B 152 2.01 -30.33 5.11
N ILE B 153 1.72 -29.39 5.99
CA ILE B 153 2.11 -29.48 7.39
C ILE B 153 0.91 -29.94 8.19
N ARG B 154 0.99 -31.15 8.74
CA ARG B 154 -0.09 -31.75 9.51
C ARG B 154 0.49 -32.39 10.76
N GLN B 155 -0.24 -32.28 11.87
CA GLN B 155 0.24 -32.85 13.12
C GLN B 155 0.13 -34.38 13.07
N GLY B 156 1.21 -35.05 13.45
CA GLY B 156 1.22 -36.49 13.50
C GLY B 156 0.41 -37.02 14.68
N PRO B 157 0.06 -38.30 14.63
CA PRO B 157 -0.73 -38.86 15.74
C PRO B 157 0.01 -38.88 17.06
N LYS B 158 1.31 -39.18 17.04
CA LYS B 158 2.13 -39.21 18.25
C LYS B 158 3.05 -37.99 18.34
N GLU B 159 2.69 -36.89 17.67
CA GLU B 159 3.53 -35.69 17.63
C GLU B 159 3.09 -34.68 18.67
N PRO B 160 3.98 -34.18 19.52
CA PRO B 160 3.58 -33.12 20.46
C PRO B 160 3.17 -31.86 19.73
N PHE B 161 2.18 -31.17 20.29
CA PHE B 161 1.64 -29.98 19.64
C PHE B 161 2.73 -28.93 19.42
N ARG B 162 3.57 -28.69 20.43
CA ARG B 162 4.64 -27.71 20.29
C ARG B 162 5.50 -27.99 19.06
N ASP B 163 5.69 -29.26 18.72
CA ASP B 163 6.51 -29.58 17.56
C ASP B 163 5.78 -29.27 16.26
N TYR B 164 4.49 -29.57 16.20
CA TYR B 164 3.71 -29.29 15.00
C TYR B 164 3.67 -27.79 14.72
N VAL B 165 3.52 -26.98 15.78
CA VAL B 165 3.49 -25.54 15.59
C VAL B 165 4.86 -25.03 15.16
N ASP B 166 5.94 -25.54 15.78
CA ASP B 166 7.28 -25.19 15.34
C ASP B 166 7.43 -25.44 13.83
N ARG B 167 6.89 -26.56 13.36
CA ARG B 167 6.97 -26.87 11.93
C ARG B 167 6.00 -26.03 11.12
N PHE B 168 4.82 -25.76 11.69
CA PHE B 168 3.83 -24.95 10.98
C PHE B 168 4.37 -23.57 10.67
N TYR B 169 5.01 -22.94 11.65
CA TYR B 169 5.52 -21.58 11.47
C TYR B 169 6.91 -21.56 10.84
N LYS B 170 7.70 -22.60 11.05
CA LYS B 170 8.94 -22.72 10.28
C LYS B 170 8.63 -22.70 8.78
N THR B 171 7.66 -23.51 8.35
CA THR B 171 7.25 -23.48 6.96
C THR B 171 6.59 -22.15 6.61
N LEU B 172 5.68 -21.68 7.48
CA LEU B 172 5.00 -20.41 7.25
C LEU B 172 6.01 -19.29 7.04
N ARG B 173 7.06 -19.24 7.86
CA ARG B 173 8.04 -18.18 7.74
C ARG B 173 8.77 -18.25 6.41
N ALA B 174 9.32 -19.41 6.06
CA ALA B 174 10.05 -19.54 4.81
C ALA B 174 9.16 -19.19 3.63
N GLU B 175 7.87 -19.53 3.69
CA GLU B 175 6.93 -19.19 2.62
C GLU B 175 6.56 -17.72 2.78
N GLN B 176 7.44 -16.85 2.30
CA GLN B 176 7.22 -15.42 2.43
C GLN B 176 5.94 -15.02 1.72
N ALA B 177 5.08 -14.30 2.44
CA ALA B 177 3.83 -13.78 1.89
C ALA B 177 3.42 -12.59 2.74
N SER B 178 2.29 -11.99 2.38
CA SER B 178 1.72 -10.94 3.21
C SER B 178 1.45 -11.48 4.61
N GLN B 179 1.66 -10.63 5.62
CA GLN B 179 1.25 -11.00 6.97
C GLN B 179 -0.22 -11.35 7.00
N GLU B 180 -1.01 -10.79 6.07
CA GLU B 180 -2.41 -11.14 5.96
C GLU B 180 -2.58 -12.57 5.46
N VAL B 181 -1.79 -12.97 4.46
CA VAL B 181 -1.81 -14.35 3.98
C VAL B 181 -1.38 -15.30 5.09
N LYS B 182 -0.33 -14.91 5.83
CA LYS B 182 0.19 -15.77 6.89
C LYS B 182 -0.73 -15.80 8.10
N ASN B 183 -1.47 -14.71 8.35
CA ASN B 183 -2.44 -14.71 9.44
C ASN B 183 -3.66 -15.55 9.09
N ALA B 184 -4.10 -15.50 7.84
CA ALA B 184 -5.25 -16.30 7.41
C ALA B 184 -4.93 -17.79 7.48
N ALA B 185 -3.70 -18.16 7.10
CA ALA B 185 -3.30 -19.57 7.15
C ALA B 185 -3.41 -20.12 8.56
N THR B 186 -2.89 -19.40 9.55
CA THR B 186 -2.96 -19.86 10.93
C THR B 186 -4.40 -20.14 11.34
N GLU B 187 -5.27 -19.14 11.19
CA GLU B 187 -6.67 -19.29 11.58
C GLU B 187 -7.39 -20.36 10.76
N THR B 188 -6.79 -20.84 9.68
CA THR B 188 -7.38 -21.85 8.82
C THR B 188 -6.81 -23.24 9.07
N LEU B 189 -5.48 -23.37 9.06
CA LEU B 189 -4.82 -24.67 9.01
C LEU B 189 -4.23 -25.13 10.33
N LEU B 190 -3.81 -24.20 11.20
CA LEU B 190 -3.14 -24.63 12.42
C LEU B 190 -3.99 -25.61 13.21
N VAL B 191 -5.28 -25.32 13.34
CA VAL B 191 -6.18 -26.25 14.03
C VAL B 191 -6.77 -27.28 13.06
N GLN B 192 -6.99 -26.90 11.81
CA GLN B 192 -7.57 -27.83 10.84
C GLN B 192 -6.65 -29.03 10.62
N ASN B 193 -5.34 -28.79 10.60
CA ASN B 193 -4.36 -29.83 10.35
C ASN B 193 -3.79 -30.42 11.63
N ALA B 194 -4.43 -30.20 12.77
CA ALA B 194 -4.04 -30.86 14.01
C ALA B 194 -4.66 -32.25 14.07
N ASN B 195 -3.99 -33.15 14.79
CA ASN B 195 -4.52 -34.49 14.93
C ASN B 195 -5.85 -34.43 15.67
N PRO B 196 -6.71 -35.44 15.48
CA PRO B 196 -8.09 -35.32 15.99
C PRO B 196 -8.18 -35.14 17.50
N ASP B 197 -7.29 -35.79 18.25
CA ASP B 197 -7.34 -35.69 19.71
C ASP B 197 -7.16 -34.25 20.17
N CYS B 198 -6.03 -33.65 19.84
CA CYS B 198 -5.80 -32.26 20.20
C CYS B 198 -6.74 -31.32 19.45
N LYS B 199 -7.15 -31.69 18.22
CA LYS B 199 -7.98 -30.79 17.42
C LYS B 199 -9.30 -30.49 18.11
N THR B 200 -9.92 -31.50 18.72
CA THR B 200 -11.16 -31.23 19.44
C THR B 200 -10.91 -30.35 20.66
N ILE B 201 -9.75 -30.49 21.29
CA ILE B 201 -9.39 -29.62 22.40
C ILE B 201 -9.26 -28.18 21.91
N LEU B 202 -8.61 -27.99 20.76
CA LEU B 202 -8.45 -26.64 20.21
C LEU B 202 -9.80 -26.05 19.84
N LYS B 203 -10.61 -26.79 19.08
CA LYS B 203 -11.98 -26.37 18.80
C LYS B 203 -12.73 -26.08 20.10
N ALA B 204 -12.34 -26.74 21.20
CA ALA B 204 -12.98 -26.59 22.49
C ALA B 204 -12.54 -25.34 23.24
N LEU B 205 -11.76 -24.45 22.62
CA LEU B 205 -11.33 -23.22 23.27
C LEU B 205 -11.92 -21.96 22.64
N GLY B 206 -12.31 -22.03 21.37
CA GLY B 206 -12.81 -20.87 20.67
C GLY B 206 -11.75 -20.23 19.82
N PRO B 207 -12.12 -19.67 18.67
CA PRO B 207 -11.10 -19.09 17.78
C PRO B 207 -10.31 -17.96 18.41
N GLY B 208 -10.90 -17.25 19.38
CA GLY B 208 -10.20 -16.15 20.02
C GLY B 208 -9.25 -16.61 21.10
N ALA B 209 -8.64 -17.79 20.92
CA ALA B 209 -7.73 -18.37 21.88
C ALA B 209 -6.29 -18.19 21.40
N THR B 210 -5.43 -17.70 22.29
CA THR B 210 -4.04 -17.47 21.92
C THR B 210 -3.35 -18.78 21.57
N LEU B 211 -2.22 -18.66 20.89
CA LEU B 211 -1.37 -19.83 20.67
C LEU B 211 -0.93 -20.43 21.99
N GLU B 212 -0.67 -19.57 22.98
CA GLU B 212 -0.31 -20.06 24.31
C GLU B 212 -1.43 -20.91 24.89
N GLU B 213 -2.68 -20.43 24.79
CA GLU B 213 -3.80 -21.20 25.29
C GLU B 213 -3.95 -22.51 24.55
N MET B 214 -3.68 -22.52 23.24
CA MET B 214 -3.71 -23.76 22.48
C MET B 214 -2.61 -24.71 22.96
N MET B 215 -1.38 -24.20 23.09
CA MET B 215 -0.26 -25.07 23.35
C MET B 215 -0.22 -25.58 24.78
N THR B 216 -0.71 -24.79 25.75
CA THR B 216 -0.79 -25.30 27.10
C THR B 216 -1.88 -26.36 27.23
N ALA B 217 -2.90 -26.29 26.39
CA ALA B 217 -4.00 -27.25 26.48
C ALA B 217 -3.57 -28.63 26.00
N CYS B 218 -2.84 -28.70 24.88
CA CYS B 218 -2.40 -29.97 24.32
C CYS B 218 -1.02 -30.37 24.81
N GLN B 219 -0.76 -30.18 26.10
CA GLN B 219 0.44 -30.66 26.74
C GLN B 219 0.22 -32.09 27.25
N GLY B 220 1.30 -32.75 27.61
CA GLY B 220 1.22 -34.11 28.13
C GLY B 220 2.56 -34.65 28.61
N PRO C 1 -22.42 0.37 -20.71
CA PRO C 1 -22.56 -0.21 -19.37
C PRO C 1 -22.89 -1.70 -19.40
N ILE C 2 -22.71 -2.37 -18.27
CA ILE C 2 -22.99 -3.80 -18.14
C ILE C 2 -24.33 -3.92 -17.45
N VAL C 3 -25.38 -4.10 -18.23
CA VAL C 3 -26.74 -4.20 -17.71
C VAL C 3 -27.15 -5.67 -17.70
N GLN C 4 -28.33 -5.94 -17.13
CA GLN C 4 -28.88 -7.29 -17.06
C GLN C 4 -30.06 -7.37 -18.01
N ASN C 5 -29.87 -8.05 -19.14
CA ASN C 5 -30.98 -8.34 -20.03
C ASN C 5 -31.97 -9.26 -19.34
N LEU C 6 -33.10 -9.51 -20.01
CA LEU C 6 -34.09 -10.42 -19.48
C LEU C 6 -33.62 -11.87 -19.45
N GLN C 7 -32.46 -12.16 -20.03
CA GLN C 7 -31.87 -13.49 -20.00
C GLN C 7 -31.01 -13.73 -18.77
N GLY C 8 -31.07 -12.82 -17.79
CA GLY C 8 -30.25 -12.93 -16.60
C GLY C 8 -28.76 -12.80 -16.83
N GLN C 9 -28.30 -12.78 -18.07
CA GLN C 9 -26.89 -12.64 -18.39
C GLN C 9 -26.57 -11.15 -18.51
N MET C 10 -25.60 -10.68 -17.73
CA MET C 10 -25.21 -9.29 -17.78
C MET C 10 -24.64 -8.95 -19.16
N VAL C 11 -25.34 -8.07 -19.88
CA VAL C 11 -24.96 -7.70 -21.24
C VAL C 11 -24.37 -6.30 -21.23
N HIS C 12 -23.44 -6.07 -22.15
CA HIS C 12 -22.88 -4.73 -22.33
C HIS C 12 -23.79 -3.91 -23.23
N GLN C 13 -24.03 -2.67 -22.82
CA GLN C 13 -24.91 -1.75 -23.54
C GLN C 13 -24.17 -0.45 -23.79
N CYS C 14 -24.71 0.35 -24.72
CA CYS C 14 -24.14 1.65 -25.03
C CYS C 14 -24.57 2.69 -24.00
N ILE C 15 -23.64 3.57 -23.62
CA ILE C 15 -23.96 4.65 -22.70
C ILE C 15 -25.02 5.53 -23.34
N SER C 16 -26.17 5.64 -22.69
CA SER C 16 -27.31 6.34 -23.28
C SER C 16 -26.93 7.78 -23.64
N PRO C 17 -27.53 8.34 -24.70
CA PRO C 17 -27.29 9.77 -24.98
C PRO C 17 -27.75 10.65 -23.84
N ARG C 18 -28.84 10.26 -23.17
CA ARG C 18 -29.36 11.05 -22.07
C ARG C 18 -28.44 11.00 -20.85
N THR C 19 -27.81 9.84 -20.63
CA THR C 19 -26.90 9.71 -19.49
C THR C 19 -25.71 10.65 -19.64
N LEU C 20 -25.13 10.71 -20.84
CA LEU C 20 -24.02 11.62 -21.08
C LEU C 20 -24.43 13.06 -20.82
N ASN C 21 -25.55 13.48 -21.41
CA ASN C 21 -26.03 14.84 -21.21
C ASN C 21 -26.14 15.19 -19.73
N ALA C 22 -26.80 14.32 -18.96
CA ALA C 22 -26.97 14.58 -17.53
C ALA C 22 -25.64 14.83 -16.84
N TRP C 23 -24.67 13.93 -17.05
CA TRP C 23 -23.38 14.08 -16.39
C TRP C 23 -22.70 15.38 -16.77
N VAL C 24 -22.87 15.82 -18.02
CA VAL C 24 -22.27 17.09 -18.43
C VAL C 24 -22.94 18.25 -17.71
N LYS C 25 -24.26 18.18 -17.56
CA LYS C 25 -24.98 19.32 -16.99
C LYS C 25 -24.71 19.45 -15.48
N VAL C 26 -24.71 18.34 -14.75
CA VAL C 26 -24.49 18.42 -13.31
C VAL C 26 -23.15 19.07 -13.01
N VAL C 27 -22.17 18.90 -13.90
CA VAL C 27 -20.88 19.56 -13.71
C VAL C 27 -20.94 20.99 -14.20
N GLU C 28 -21.60 21.23 -15.33
CA GLU C 28 -21.75 22.60 -15.81
C GLU C 28 -22.64 23.40 -14.87
N GLU C 29 -23.64 22.77 -14.28
CA GLU C 29 -24.60 23.50 -13.45
C GLU C 29 -24.16 23.61 -12.00
N LYS C 30 -23.62 22.54 -11.42
CA LYS C 30 -23.24 22.53 -10.01
C LYS C 30 -21.74 22.40 -9.78
N ALA C 31 -20.95 22.27 -10.84
CA ALA C 31 -19.49 22.22 -10.72
C ALA C 31 -19.12 21.12 -9.72
N PHE C 32 -18.21 21.36 -8.78
CA PHE C 32 -17.80 20.32 -7.85
C PHE C 32 -18.37 20.50 -6.45
N SER C 33 -19.66 20.78 -6.37
CA SER C 33 -20.33 20.76 -5.08
C SER C 33 -20.51 19.30 -4.65
N PRO C 34 -20.67 19.07 -3.35
CA PRO C 34 -20.75 17.67 -2.88
C PRO C 34 -21.79 16.84 -3.60
N GLU C 35 -22.87 17.45 -4.05
CA GLU C 35 -23.95 16.72 -4.72
C GLU C 35 -23.52 16.10 -6.04
N VAL C 36 -22.30 16.34 -6.50
CA VAL C 36 -21.87 15.73 -7.76
C VAL C 36 -21.43 14.29 -7.54
N ILE C 37 -20.86 13.98 -6.37
CA ILE C 37 -20.41 12.61 -6.11
C ILE C 37 -21.57 11.62 -6.22
N PRO C 38 -22.72 11.83 -5.59
CA PRO C 38 -23.85 10.90 -5.80
C PRO C 38 -24.29 10.84 -7.25
N MET C 39 -24.41 12.00 -7.90
CA MET C 39 -24.82 12.02 -9.30
C MET C 39 -23.88 11.18 -10.15
N PHE C 40 -22.59 11.19 -9.83
CA PHE C 40 -21.65 10.39 -10.61
C PHE C 40 -21.81 8.90 -10.31
N SER C 41 -21.88 8.54 -9.03
CA SER C 41 -22.03 7.13 -8.67
C SER C 41 -23.27 6.52 -9.31
N ALA C 42 -24.36 7.29 -9.38
CA ALA C 42 -25.62 6.76 -9.92
C ALA C 42 -25.60 6.72 -11.44
N LEU C 43 -25.10 7.77 -12.09
CA LEU C 43 -25.04 7.79 -13.54
C LEU C 43 -24.03 6.80 -14.08
N SER C 44 -23.07 6.37 -13.27
CA SER C 44 -22.05 5.41 -13.68
C SER C 44 -22.37 4.00 -13.23
N CYS C 45 -23.59 3.75 -12.75
CA CYS C 45 -23.98 2.44 -12.28
C CYS C 45 -23.78 1.39 -13.37
N GLY C 46 -23.02 0.34 -13.05
CA GLY C 46 -22.77 -0.70 -14.01
C GLY C 46 -21.99 -0.23 -15.22
N ALA C 47 -21.04 0.68 -15.01
CA ALA C 47 -20.26 1.27 -16.08
C ALA C 47 -18.92 0.54 -16.24
N THR C 48 -18.39 0.57 -17.48
CA THR C 48 -17.07 0.02 -17.78
C THR C 48 -16.00 1.08 -17.58
N PRO C 49 -14.77 0.68 -17.26
CA PRO C 49 -13.69 1.68 -17.17
C PRO C 49 -13.61 2.57 -18.40
N GLN C 50 -13.95 2.02 -19.57
CA GLN C 50 -14.03 2.84 -20.78
C GLN C 50 -15.15 3.88 -20.64
N ASP C 51 -16.32 3.45 -20.20
CA ASP C 51 -17.43 4.39 -20.03
C ASP C 51 -17.15 5.40 -18.94
N LEU C 52 -16.45 4.98 -17.88
CA LEU C 52 -16.04 5.92 -16.84
C LEU C 52 -15.12 6.99 -17.42
N ASN C 53 -14.11 6.56 -18.17
CA ASN C 53 -13.23 7.52 -18.83
C ASN C 53 -14.03 8.46 -19.72
N THR C 54 -14.97 7.92 -20.50
CA THR C 54 -15.75 8.76 -21.40
C THR C 54 -16.48 9.87 -20.65
N MET C 55 -17.10 9.53 -19.52
CA MET C 55 -17.76 10.54 -18.71
C MET C 55 -16.78 11.62 -18.27
N LEU C 56 -15.64 11.20 -17.72
CA LEU C 56 -14.65 12.17 -17.26
C LEU C 56 -14.20 13.07 -18.40
N ASN C 57 -14.09 12.52 -19.61
CA ASN C 57 -13.67 13.34 -20.75
C ASN C 57 -14.79 14.25 -21.23
N THR C 58 -16.05 13.80 -21.14
CA THR C 58 -17.15 14.68 -21.55
C THR C 58 -17.18 15.95 -20.72
N VAL C 59 -16.76 15.88 -19.46
CA VAL C 59 -16.64 17.09 -18.66
C VAL C 59 -15.69 18.06 -19.34
N GLY C 60 -16.12 19.31 -19.47
CA GLY C 60 -15.32 20.36 -20.09
C GLY C 60 -14.82 21.33 -19.04
N GLY C 61 -13.55 21.70 -19.16
CA GLY C 61 -12.94 22.53 -18.16
C GLY C 61 -12.57 21.72 -16.94
N HIS C 62 -12.42 22.44 -15.82
CA HIS C 62 -12.04 21.82 -14.55
C HIS C 62 -10.76 21.01 -14.69
N GLN C 63 -9.88 21.46 -15.59
CA GLN C 63 -8.74 20.64 -16.00
C GLN C 63 -7.75 20.43 -14.87
N ALA C 64 -7.62 21.40 -13.96
CA ALA C 64 -6.80 21.18 -12.78
C ALA C 64 -7.38 20.08 -11.90
N ALA C 65 -8.70 20.09 -11.71
CA ALA C 65 -9.34 19.05 -10.93
C ALA C 65 -9.22 17.70 -11.61
N MET C 66 -9.44 17.65 -12.92
CA MET C 66 -9.34 16.38 -13.63
C MET C 66 -7.93 15.81 -13.53
N GLN C 67 -6.92 16.66 -13.67
CA GLN C 67 -5.54 16.19 -13.50
C GLN C 67 -5.33 15.65 -12.10
N MET C 68 -5.85 16.33 -11.09
CA MET C 68 -5.77 15.80 -9.73
C MET C 68 -6.46 14.45 -9.63
N LEU C 69 -7.67 14.34 -10.21
CA LEU C 69 -8.35 13.06 -10.24
C LEU C 69 -7.50 12.00 -10.89
N LYS C 70 -6.88 12.33 -12.03
CA LYS C 70 -6.03 11.37 -12.73
C LYS C 70 -4.89 10.90 -11.84
N GLU C 71 -4.28 11.81 -11.09
CA GLU C 71 -3.22 11.42 -10.18
C GLU C 71 -3.72 10.44 -9.12
N THR C 72 -4.89 10.73 -8.54
CA THR C 72 -5.46 9.83 -7.55
C THR C 72 -5.68 8.44 -8.14
N ILE C 73 -6.17 8.37 -9.38
CA ILE C 73 -6.37 7.07 -10.04
C ILE C 73 -5.04 6.33 -10.18
N ASN C 74 -3.99 7.05 -10.57
CA ASN C 74 -2.68 6.42 -10.70
C ASN C 74 -2.20 5.90 -9.35
N GLU C 75 -2.31 6.71 -8.30
CA GLU C 75 -1.92 6.27 -6.97
C GLU C 75 -2.68 5.02 -6.56
N GLU C 76 -3.99 4.99 -6.81
CA GLU C 76 -4.78 3.81 -6.48
C GLU C 76 -4.35 2.61 -7.31
N ALA C 77 -4.02 2.83 -8.59
CA ALA C 77 -3.55 1.73 -9.42
C ALA C 77 -2.22 1.20 -8.93
N ALA C 78 -1.30 2.08 -8.53
CA ALA C 78 -0.03 1.65 -7.99
C ALA C 78 -0.24 0.83 -6.71
N GLU C 79 -1.14 1.29 -5.84
CA GLU C 79 -1.44 0.52 -4.63
C GLU C 79 -2.05 -0.83 -4.97
N TRP C 80 -2.95 -0.87 -5.96
CA TRP C 80 -3.50 -2.15 -6.40
C TRP C 80 -2.41 -3.07 -6.90
N ASP C 81 -1.44 -2.52 -7.66
CA ASP C 81 -0.38 -3.37 -8.22
C ASP C 81 0.47 -3.98 -7.11
N ARG C 82 0.77 -3.23 -6.05
CA ARG C 82 1.47 -3.83 -4.92
C ARG C 82 0.58 -4.82 -4.18
N LEU C 83 -0.72 -4.55 -4.12
CA LEU C 83 -1.64 -5.45 -3.44
C LEU C 83 -1.75 -6.78 -4.16
N HIS C 84 -1.81 -6.75 -5.49
CA HIS C 84 -2.02 -7.94 -6.30
C HIS C 84 -0.77 -8.18 -7.14
N PRO C 85 -0.12 -9.34 -7.06
CA PRO C 85 0.98 -9.62 -8.00
C PRO C 85 0.45 -9.86 -9.40
N VAL C 86 1.15 -9.31 -10.40
CA VAL C 86 0.83 -9.69 -11.76
C VAL C 86 1.16 -11.16 -11.90
N HIS C 87 0.37 -11.86 -12.69
CA HIS C 87 0.52 -13.30 -12.81
C HIS C 87 1.37 -13.65 -14.02
N ALA C 88 2.14 -14.73 -13.90
CA ALA C 88 3.04 -15.17 -14.96
C ALA C 88 2.48 -16.34 -15.75
N GLY C 89 1.53 -17.07 -15.16
CA GLY C 89 1.12 -18.36 -15.68
C GLY C 89 -0.18 -18.39 -16.48
N PRO C 90 -0.25 -19.40 -17.35
CA PRO C 90 -0.91 -19.26 -18.67
C PRO C 90 -2.39 -18.90 -18.67
N ILE C 91 -2.86 -18.32 -19.82
CA ILE C 91 -4.23 -17.80 -19.93
C ILE C 91 -5.20 -18.99 -19.90
N ALA C 92 -5.21 -19.71 -18.77
CA ALA C 92 -6.11 -20.82 -18.47
C ALA C 92 -7.44 -20.65 -19.21
N PRO C 93 -8.09 -21.69 -19.57
CA PRO C 93 -9.27 -21.52 -20.42
C PRO C 93 -10.45 -21.04 -19.60
N GLY C 94 -10.63 -21.63 -18.43
CA GLY C 94 -11.79 -21.28 -17.62
C GLY C 94 -11.83 -19.83 -17.14
N GLN C 95 -10.67 -19.23 -16.87
CA GLN C 95 -10.60 -18.05 -15.99
C GLN C 95 -9.92 -16.82 -16.60
N MET C 96 -9.59 -15.81 -15.79
CA MET C 96 -9.00 -14.56 -16.30
C MET C 96 -8.17 -13.92 -15.18
N ARG C 97 -6.88 -13.59 -15.44
CA ARG C 97 -6.02 -13.15 -14.33
C ARG C 97 -6.49 -11.80 -13.85
N GLU C 98 -5.99 -11.42 -12.72
CA GLU C 98 -6.47 -10.22 -12.08
C GLU C 98 -5.98 -9.00 -12.85
N PRO C 99 -6.85 -8.05 -13.15
CA PRO C 99 -6.42 -6.83 -13.84
C PRO C 99 -5.29 -6.15 -13.10
N ARG C 100 -4.38 -5.53 -13.86
CA ARG C 100 -3.43 -4.62 -13.25
C ARG C 100 -4.13 -3.34 -12.82
N GLY C 101 -3.49 -2.60 -11.92
CA GLY C 101 -4.06 -1.32 -11.51
C GLY C 101 -4.32 -0.43 -12.70
N SER C 102 -3.42 -0.48 -13.69
CA SER C 102 -3.63 0.27 -14.93
C SER C 102 -4.81 -0.28 -15.72
N ASP C 103 -5.05 -1.60 -15.66
CA ASP C 103 -6.17 -2.16 -16.40
C ASP C 103 -7.51 -1.73 -15.80
N ILE C 104 -7.58 -1.60 -14.48
CA ILE C 104 -8.77 -1.07 -13.84
C ILE C 104 -9.06 0.33 -14.36
N ALA C 105 -8.01 1.17 -14.47
CA ALA C 105 -8.18 2.49 -15.04
C ALA C 105 -8.67 2.43 -16.48
N GLY C 106 -8.40 1.32 -17.17
CA GLY C 106 -8.70 1.22 -18.58
C GLY C 106 -7.66 1.85 -19.48
N THR C 107 -6.59 2.40 -18.92
CA THR C 107 -5.50 2.93 -19.72
C THR C 107 -4.81 1.83 -20.51
N THR C 108 -4.67 0.65 -19.89
CA THR C 108 -3.97 -0.48 -20.49
C THR C 108 -4.91 -1.63 -20.84
N SER C 109 -6.22 -1.43 -20.74
CA SER C 109 -7.19 -2.52 -20.87
C SER C 109 -8.13 -2.26 -22.03
N THR C 110 -8.39 -3.31 -22.81
CA THR C 110 -9.44 -3.27 -23.83
C THR C 110 -10.80 -3.32 -23.16
N LEU C 111 -11.79 -2.69 -23.81
CA LEU C 111 -13.15 -2.76 -23.27
C LEU C 111 -13.62 -4.22 -23.18
N GLN C 112 -13.34 -5.02 -24.21
CA GLN C 112 -13.68 -6.43 -24.14
C GLN C 112 -12.95 -7.11 -22.99
N GLU C 113 -11.69 -6.72 -22.75
CA GLU C 113 -10.94 -7.26 -21.63
C GLU C 113 -11.53 -6.81 -20.30
N GLN C 114 -11.90 -5.54 -20.19
CA GLN C 114 -12.61 -5.06 -19.01
C GLN C 114 -13.91 -5.83 -18.80
N ILE C 115 -14.71 -5.94 -19.86
CA ILE C 115 -16.02 -6.58 -19.76
C ILE C 115 -15.87 -8.04 -19.34
N GLY C 116 -14.80 -8.70 -19.81
CA GLY C 116 -14.58 -10.08 -19.42
C GLY C 116 -14.35 -10.23 -17.93
N TRP C 117 -13.53 -9.36 -17.35
CA TRP C 117 -13.38 -9.35 -15.90
C TRP C 117 -14.69 -9.04 -15.21
N MET C 118 -15.43 -8.05 -15.70
CA MET C 118 -16.65 -7.61 -15.05
C MET C 118 -17.71 -8.72 -15.05
N THR C 119 -17.85 -9.41 -16.17
CA THR C 119 -18.80 -10.52 -16.30
C THR C 119 -18.00 -11.80 -16.42
N HIS C 120 -18.14 -12.67 -15.42
CA HIS C 120 -17.30 -13.85 -15.26
C HIS C 120 -17.97 -14.74 -14.23
N ASN C 121 -17.83 -16.05 -14.38
CA ASN C 121 -18.32 -16.96 -13.34
C ASN C 121 -17.80 -16.55 -11.96
N PRO C 122 -16.52 -16.27 -11.77
CA PRO C 122 -16.07 -15.48 -10.64
C PRO C 122 -15.62 -14.11 -11.09
N PRO C 123 -16.34 -13.03 -10.73
CA PRO C 123 -16.05 -11.74 -11.35
C PRO C 123 -15.19 -10.81 -10.52
N ILE C 124 -14.21 -10.19 -11.15
CA ILE C 124 -13.49 -9.04 -10.60
C ILE C 124 -13.92 -7.83 -11.42
N PRO C 125 -14.59 -6.82 -10.83
CA PRO C 125 -15.12 -5.73 -11.65
C PRO C 125 -14.16 -4.56 -11.76
N VAL C 126 -13.44 -4.47 -12.88
CA VAL C 126 -12.54 -3.35 -13.09
C VAL C 126 -13.33 -2.03 -13.07
N GLY C 127 -14.54 -2.03 -13.59
CA GLY C 127 -15.34 -0.82 -13.59
C GLY C 127 -15.71 -0.37 -12.19
N GLU C 128 -16.09 -1.31 -11.33
CA GLU C 128 -16.45 -0.95 -9.97
C GLU C 128 -15.22 -0.50 -9.19
N ILE C 129 -14.09 -1.19 -9.36
CA ILE C 129 -12.86 -0.78 -8.70
C ILE C 129 -12.46 0.62 -9.16
N TYR C 130 -12.55 0.87 -10.47
CA TYR C 130 -12.16 2.17 -11.01
C TYR C 130 -13.04 3.27 -10.44
N LYS C 131 -14.37 3.08 -10.48
CA LYS C 131 -15.28 4.11 -9.99
C LYS C 131 -14.97 4.47 -8.55
N ARG C 132 -14.59 3.48 -7.74
CA ARG C 132 -14.23 3.77 -6.35
C ARG C 132 -13.05 4.72 -6.28
N TRP C 133 -12.05 4.52 -7.14
CA TRP C 133 -10.93 5.44 -7.20
C TRP C 133 -11.37 6.82 -7.66
N ILE C 134 -12.26 6.87 -8.66
CA ILE C 134 -12.73 8.14 -9.17
C ILE C 134 -13.45 8.91 -8.06
N ILE C 135 -14.44 8.28 -7.42
CA ILE C 135 -15.22 8.95 -6.40
C ILE C 135 -14.33 9.42 -5.27
N LEU C 136 -13.33 8.62 -4.89
CA LEU C 136 -12.40 9.06 -3.85
C LEU C 136 -11.61 10.27 -4.31
N GLY C 137 -11.11 10.25 -5.54
CA GLY C 137 -10.41 11.41 -6.06
C GLY C 137 -11.31 12.60 -6.27
N LEU C 138 -12.57 12.37 -6.64
CA LEU C 138 -13.53 13.46 -6.77
C LEU C 138 -13.81 14.10 -5.42
N ASN C 139 -13.79 13.32 -4.34
CA ASN C 139 -14.01 13.90 -3.01
C ASN C 139 -12.88 14.83 -2.60
N LYS C 140 -11.64 14.55 -3.04
CA LYS C 140 -10.55 15.48 -2.79
C LYS C 140 -10.78 16.79 -3.53
N ILE C 141 -11.26 16.70 -4.77
CA ILE C 141 -11.56 17.90 -5.54
C ILE C 141 -12.58 18.76 -4.80
N VAL C 142 -13.64 18.13 -4.29
CA VAL C 142 -14.65 18.87 -3.54
C VAL C 142 -14.03 19.53 -2.32
N ARG C 143 -13.14 18.80 -1.62
CA ARG C 143 -12.48 19.36 -0.46
C ARG C 143 -11.68 20.61 -0.82
N MET C 144 -10.87 20.53 -1.88
CA MET C 144 -10.08 21.68 -2.30
C MET C 144 -10.99 22.86 -2.67
N TYR C 145 -11.98 22.61 -3.51
CA TYR C 145 -12.79 23.67 -4.09
C TYR C 145 -13.89 24.14 -3.14
N SER C 146 -13.87 23.72 -1.88
CA SER C 146 -14.76 24.27 -0.87
C SER C 146 -14.03 25.41 -0.16
N PRO C 147 -14.41 26.67 -0.36
CA PRO C 147 -13.66 27.75 0.30
C PRO C 147 -13.92 27.83 1.79
N THR C 148 -15.13 27.52 2.22
CA THR C 148 -15.52 27.71 3.61
C THR C 148 -14.79 26.72 4.53
N SER C 149 -14.70 27.10 5.81
CA SER C 149 -14.23 26.23 6.87
C SER C 149 -15.26 26.20 7.98
N ILE C 150 -15.44 25.03 8.59
CA ILE C 150 -16.50 24.88 9.59
C ILE C 150 -16.33 25.88 10.72
N LEU C 151 -15.09 26.29 11.00
CA LEU C 151 -14.85 27.28 12.05
C LEU C 151 -15.14 28.70 11.61
N ASP C 152 -15.13 28.98 10.31
CA ASP C 152 -15.48 30.30 9.80
C ASP C 152 -16.98 30.49 9.64
N ILE C 153 -17.78 29.45 9.80
CA ILE C 153 -19.23 29.55 9.69
C ILE C 153 -19.78 30.02 11.04
N ARG C 154 -20.28 31.26 11.07
CA ARG C 154 -20.80 31.85 12.29
C ARG C 154 -22.07 32.62 11.98
N GLN C 155 -23.04 32.49 12.88
CA GLN C 155 -24.34 33.13 12.69
C GLN C 155 -24.22 34.62 12.90
N GLY C 156 -24.73 35.40 11.94
CA GLY C 156 -24.89 36.82 12.10
C GLY C 156 -26.16 37.12 12.87
N PRO C 157 -26.16 38.22 13.63
CA PRO C 157 -27.32 38.50 14.48
C PRO C 157 -28.62 38.62 13.69
N LYS C 158 -28.55 39.14 12.47
CA LYS C 158 -29.73 39.21 11.60
C LYS C 158 -29.89 37.98 10.73
N GLU C 159 -28.99 37.01 10.83
CA GLU C 159 -29.14 35.74 10.13
C GLU C 159 -29.99 34.78 10.95
N PRO C 160 -30.95 34.07 10.34
CA PRO C 160 -31.68 33.05 11.09
C PRO C 160 -30.77 31.90 11.50
N PHE C 161 -31.08 31.29 12.65
CA PHE C 161 -30.36 30.09 13.06
C PHE C 161 -30.51 29.00 12.01
N ARG C 162 -31.70 28.90 11.43
CA ARG C 162 -31.94 27.92 10.36
C ARG C 162 -31.01 28.18 9.18
N ASP C 163 -30.85 29.44 8.79
CA ASP C 163 -29.96 29.75 7.67
C ASP C 163 -28.50 29.51 8.04
N TYR C 164 -28.10 29.89 9.26
CA TYR C 164 -26.74 29.59 9.72
C TYR C 164 -26.52 28.08 9.78
N VAL C 165 -27.55 27.34 10.21
CA VAL C 165 -27.42 25.89 10.26
C VAL C 165 -27.31 25.32 8.86
N ASP C 166 -27.99 25.91 7.88
CA ASP C 166 -27.84 25.48 6.50
C ASP C 166 -26.41 25.69 6.00
N ARG C 167 -25.82 26.85 6.31
CA ARG C 167 -24.43 27.10 5.90
C ARG C 167 -23.46 26.20 6.67
N PHE C 168 -23.83 25.77 7.87
CA PHE C 168 -22.91 25.02 8.71
C PHE C 168 -22.70 23.62 8.17
N TYR C 169 -23.78 22.92 7.84
CA TYR C 169 -23.65 21.55 7.35
C TYR C 169 -23.25 21.49 5.88
N LYS C 170 -23.65 22.49 5.09
CA LYS C 170 -23.15 22.59 3.73
C LYS C 170 -21.63 22.63 3.72
N THR C 171 -21.03 23.39 4.63
CA THR C 171 -19.57 23.46 4.71
C THR C 171 -19.00 22.15 5.26
N LEU C 172 -19.62 21.61 6.30
CA LEU C 172 -19.12 20.38 6.89
C LEU C 172 -19.13 19.25 5.87
N ARG C 173 -20.18 19.16 5.05
CA ARG C 173 -20.23 18.12 4.02
C ARG C 173 -19.09 18.29 3.02
N ALA C 174 -18.88 19.52 2.53
CA ALA C 174 -17.84 19.75 1.54
C ALA C 174 -16.46 19.46 2.10
N GLU C 175 -16.26 19.62 3.40
CA GLU C 175 -15.00 19.28 4.05
C GLU C 175 -15.06 17.81 4.45
N GLN C 176 -14.70 16.93 3.51
CA GLN C 176 -14.76 15.50 3.76
C GLN C 176 -13.90 15.13 4.96
N ALA C 177 -14.51 14.43 5.91
CA ALA C 177 -13.83 13.99 7.11
C ALA C 177 -14.53 12.73 7.62
N SER C 178 -13.96 12.14 8.67
CA SER C 178 -14.58 10.99 9.30
C SER C 178 -15.85 11.41 10.01
N GLN C 179 -16.95 10.67 9.79
CA GLN C 179 -18.25 11.07 10.32
C GLN C 179 -18.19 11.37 11.80
N GLU C 180 -17.38 10.61 12.55
CA GLU C 180 -17.22 10.89 13.97
C GLU C 180 -16.61 12.27 14.20
N VAL C 181 -15.54 12.60 13.47
CA VAL C 181 -14.90 13.90 13.63
C VAL C 181 -15.85 15.01 13.21
N LYS C 182 -16.63 14.79 12.15
CA LYS C 182 -17.58 15.80 11.70
C LYS C 182 -18.64 16.05 12.77
N ASN C 183 -19.10 14.99 13.45
CA ASN C 183 -20.02 15.17 14.56
C ASN C 183 -19.36 15.95 15.68
N ALA C 184 -18.08 15.70 15.94
CA ALA C 184 -17.36 16.47 16.94
C ALA C 184 -17.30 17.94 16.56
N ALA C 185 -17.06 18.23 15.28
CA ALA C 185 -17.08 19.62 14.82
C ALA C 185 -18.48 20.21 14.99
N THR C 186 -19.52 19.44 14.68
CA THR C 186 -20.89 19.92 14.81
C THR C 186 -21.22 20.26 16.26
N GLU C 187 -21.09 19.27 17.15
CA GLU C 187 -21.41 19.51 18.55
C GLU C 187 -20.56 20.63 19.13
N THR C 188 -19.27 20.68 18.75
CA THR C 188 -18.40 21.74 19.22
C THR C 188 -18.90 23.11 18.76
N LEU C 189 -19.08 23.27 17.45
CA LEU C 189 -19.16 24.59 16.85
C LEU C 189 -20.59 25.09 16.66
N LEU C 190 -21.54 24.21 16.36
CA LEU C 190 -22.87 24.70 16.02
C LEU C 190 -23.43 25.61 17.11
N VAL C 191 -23.12 25.31 18.37
CA VAL C 191 -23.59 26.15 19.48
C VAL C 191 -22.61 27.29 19.76
N GLN C 192 -21.31 27.04 19.63
CA GLN C 192 -20.34 28.08 19.89
C GLN C 192 -20.44 29.20 18.86
N ASN C 193 -20.70 28.85 17.60
CA ASN C 193 -20.72 29.81 16.52
C ASN C 193 -22.10 30.41 16.28
N ALA C 194 -23.09 30.06 17.10
CA ALA C 194 -24.39 30.72 17.03
C ALA C 194 -24.28 32.11 17.66
N ASN C 195 -25.11 33.04 17.16
CA ASN C 195 -25.07 34.39 17.69
C ASN C 195 -25.47 34.37 19.17
N PRO C 196 -25.08 35.39 19.92
CA PRO C 196 -25.23 35.30 21.39
C PRO C 196 -26.66 35.08 21.86
N ASP C 197 -27.64 35.75 21.25
CA ASP C 197 -29.02 35.58 21.71
C ASP C 197 -29.49 34.15 21.47
N CYS C 198 -29.34 33.64 20.25
CA CYS C 198 -29.73 32.26 19.98
C CYS C 198 -28.86 31.29 20.78
N LYS C 199 -27.57 31.62 20.95
CA LYS C 199 -26.68 30.71 21.67
C LYS C 199 -27.19 30.45 23.09
N THR C 200 -27.69 31.48 23.77
CA THR C 200 -28.19 31.28 25.13
C THR C 200 -29.39 30.34 25.13
N ILE C 201 -30.24 30.44 24.10
CA ILE C 201 -31.38 29.54 24.01
C ILE C 201 -30.89 28.10 23.87
N LEU C 202 -29.93 27.88 22.98
CA LEU C 202 -29.38 26.54 22.80
C LEU C 202 -28.74 26.03 24.08
N LYS C 203 -28.00 26.91 24.78
CA LYS C 203 -27.42 26.50 26.06
C LYS C 203 -28.49 26.21 27.10
N ALA C 204 -29.67 26.82 26.96
CA ALA C 204 -30.78 26.44 27.82
C ALA C 204 -31.30 25.05 27.48
N LEU C 205 -31.41 24.74 26.19
CA LEU C 205 -31.88 23.42 25.78
C LEU C 205 -30.97 22.33 26.31
N GLY C 206 -29.67 22.55 26.31
CA GLY C 206 -28.71 21.56 26.76
C GLY C 206 -28.07 20.84 25.59
N PRO C 207 -27.02 20.06 25.87
CA PRO C 207 -26.35 19.32 24.79
C PRO C 207 -27.20 18.21 24.21
N GLY C 208 -28.23 17.74 24.92
CA GLY C 208 -29.07 16.68 24.43
C GLY C 208 -30.30 17.19 23.70
N ALA C 209 -30.08 18.05 22.71
CA ALA C 209 -31.15 18.64 21.93
C ALA C 209 -30.99 18.29 20.46
N THR C 210 -32.03 17.72 19.86
CA THR C 210 -32.02 17.47 18.44
C THR C 210 -31.89 18.79 17.68
N LEU C 211 -31.48 18.69 16.42
CA LEU C 211 -31.48 19.89 15.59
C LEU C 211 -32.89 20.45 15.46
N GLU C 212 -33.90 19.57 15.43
CA GLU C 212 -35.28 20.03 15.42
C GLU C 212 -35.57 20.88 16.66
N GLU C 213 -35.18 20.39 17.83
CA GLU C 213 -35.42 21.14 19.06
C GLU C 213 -34.67 22.47 19.06
N MET C 214 -33.44 22.47 18.54
CA MET C 214 -32.67 23.70 18.46
C MET C 214 -33.25 24.65 17.43
N MET C 215 -33.62 24.14 16.26
CA MET C 215 -34.12 24.99 15.19
C MET C 215 -35.47 25.62 15.55
N THR C 216 -36.32 24.88 16.27
CA THR C 216 -37.57 25.47 16.73
C THR C 216 -37.33 26.47 17.85
N ALA C 217 -36.30 26.26 18.67
CA ALA C 217 -36.06 27.15 19.79
C ALA C 217 -35.60 28.53 19.32
N CYS C 218 -34.73 28.58 18.32
CA CYS C 218 -34.21 29.83 17.78
C CYS C 218 -34.99 30.33 16.57
N GLN C 219 -36.22 29.85 16.37
CA GLN C 219 -37.09 30.39 15.35
C GLN C 219 -37.85 31.57 15.93
N GLY C 220 -37.95 32.64 15.14
CA GLY C 220 -38.59 33.85 15.60
C GLY C 220 -38.81 34.87 14.50
N PRO D 1 -27.45 2.14 -36.13
CA PRO D 1 -26.39 1.42 -35.43
C PRO D 1 -26.67 -0.08 -35.33
N ILE D 2 -25.64 -0.84 -34.97
CA ILE D 2 -25.76 -2.28 -34.78
C ILE D 2 -25.76 -2.54 -33.28
N VAL D 3 -26.92 -2.91 -32.75
CA VAL D 3 -27.07 -3.24 -31.33
C VAL D 3 -27.32 -4.73 -31.18
N GLN D 4 -27.42 -5.19 -29.92
CA GLN D 4 -27.68 -6.59 -29.62
C GLN D 4 -29.11 -6.74 -29.14
N ASN D 5 -29.93 -7.45 -29.89
CA ASN D 5 -31.26 -7.81 -29.41
C ASN D 5 -31.13 -8.82 -28.28
N LEU D 6 -32.27 -9.14 -27.65
CA LEU D 6 -32.27 -10.13 -26.60
C LEU D 6 -32.01 -11.54 -27.13
N GLN D 7 -31.91 -11.70 -28.45
CA GLN D 7 -31.61 -12.99 -29.06
C GLN D 7 -30.11 -13.17 -29.31
N GLY D 8 -29.28 -12.23 -28.86
CA GLY D 8 -27.85 -12.34 -28.98
C GLY D 8 -27.28 -11.99 -30.33
N GLN D 9 -28.09 -11.98 -31.39
CA GLN D 9 -27.60 -11.60 -32.71
C GLN D 9 -27.59 -10.08 -32.82
N MET D 10 -26.43 -9.54 -33.23
CA MET D 10 -26.30 -8.11 -33.44
C MET D 10 -27.23 -7.67 -34.56
N VAL D 11 -28.28 -6.92 -34.22
CA VAL D 11 -29.27 -6.49 -35.19
C VAL D 11 -29.04 -5.03 -35.54
N HIS D 12 -29.61 -4.61 -36.66
CA HIS D 12 -29.52 -3.23 -37.10
C HIS D 12 -30.69 -2.45 -36.54
N GLN D 13 -30.41 -1.26 -36.02
CA GLN D 13 -31.43 -0.40 -35.44
C GLN D 13 -31.25 1.02 -35.98
N CYS D 14 -32.36 1.75 -36.04
CA CYS D 14 -32.33 3.11 -36.57
C CYS D 14 -31.67 4.06 -35.57
N ILE D 15 -30.89 5.00 -36.09
CA ILE D 15 -30.23 5.98 -35.23
C ILE D 15 -31.32 6.77 -34.52
N SER D 16 -31.32 6.72 -33.19
CA SER D 16 -32.40 7.32 -32.42
C SER D 16 -32.42 8.82 -32.64
N PRO D 17 -33.60 9.44 -32.60
CA PRO D 17 -33.65 10.91 -32.73
C PRO D 17 -32.88 11.61 -31.63
N ARG D 18 -32.97 11.13 -30.39
CA ARG D 18 -32.25 11.76 -29.29
C ARG D 18 -30.75 11.83 -29.61
N THR D 19 -30.18 10.73 -30.11
CA THR D 19 -28.75 10.71 -30.40
C THR D 19 -28.38 11.76 -31.45
N LEU D 20 -29.23 11.92 -32.46
CA LEU D 20 -29.00 12.96 -33.45
C LEU D 20 -29.02 14.33 -32.78
N ASN D 21 -30.10 14.64 -32.07
CA ASN D 21 -30.20 15.92 -31.38
C ASN D 21 -29.01 16.15 -30.46
N ALA D 22 -28.69 15.15 -29.63
CA ALA D 22 -27.58 15.30 -28.69
C ALA D 22 -26.29 15.64 -29.42
N TRP D 23 -26.01 14.95 -30.53
CA TRP D 23 -24.80 15.23 -31.29
C TRP D 23 -24.83 16.62 -31.91
N VAL D 24 -26.01 17.10 -32.30
CA VAL D 24 -26.11 18.41 -32.91
C VAL D 24 -25.82 19.51 -31.88
N LYS D 25 -26.36 19.35 -30.66
CA LYS D 25 -26.30 20.46 -29.71
C LYS D 25 -24.91 20.64 -29.11
N VAL D 26 -24.14 19.55 -28.94
CA VAL D 26 -22.79 19.70 -28.43
C VAL D 26 -21.94 20.48 -29.42
N VAL D 27 -22.17 20.28 -30.71
CA VAL D 27 -21.45 21.05 -31.72
C VAL D 27 -21.97 22.47 -31.77
N GLU D 28 -23.26 22.67 -31.55
CA GLU D 28 -23.79 24.02 -31.38
C GLU D 28 -23.14 24.63 -30.15
N GLU D 29 -23.49 24.08 -28.98
CA GLU D 29 -22.99 24.59 -27.71
C GLU D 29 -21.48 24.64 -27.68
N LYS D 30 -20.84 23.47 -27.64
CA LYS D 30 -19.41 23.37 -27.35
C LYS D 30 -18.53 23.43 -28.58
N ALA D 31 -19.11 23.63 -29.78
CA ALA D 31 -18.31 23.72 -31.00
C ALA D 31 -17.29 22.59 -31.05
N PHE D 32 -16.00 22.90 -31.14
CA PHE D 32 -14.99 21.86 -31.19
C PHE D 32 -13.98 22.00 -30.06
N SER D 33 -14.49 22.11 -28.84
CA SER D 33 -13.64 21.97 -27.67
C SER D 33 -13.36 20.48 -27.45
N PRO D 34 -12.35 20.16 -26.64
CA PRO D 34 -11.96 18.76 -26.49
C PRO D 34 -13.08 17.83 -26.05
N GLU D 35 -14.17 18.36 -25.48
CA GLU D 35 -15.22 17.51 -24.96
C GLU D 35 -16.19 17.01 -26.03
N VAL D 36 -15.99 17.39 -27.29
CA VAL D 36 -16.80 16.81 -28.35
C VAL D 36 -16.23 15.49 -28.83
N ILE D 37 -14.92 15.27 -28.68
CA ILE D 37 -14.36 13.97 -29.02
C ILE D 37 -15.04 12.85 -28.26
N PRO D 38 -15.16 12.91 -26.92
CA PRO D 38 -15.89 11.84 -26.22
C PRO D 38 -17.34 11.76 -26.64
N MET D 39 -18.07 12.87 -26.58
CA MET D 39 -19.49 12.86 -26.95
C MET D 39 -19.70 12.13 -28.26
N PHE D 40 -18.84 12.36 -29.24
CA PHE D 40 -18.97 11.66 -30.51
C PHE D 40 -18.65 10.18 -30.33
N SER D 41 -17.53 9.86 -29.67
CA SER D 41 -17.14 8.47 -29.48
C SER D 41 -18.22 7.68 -28.76
N ALA D 42 -18.95 8.32 -27.86
CA ALA D 42 -20.03 7.66 -27.13
C ALA D 42 -21.35 7.70 -27.90
N LEU D 43 -21.67 8.84 -28.51
CA LEU D 43 -22.88 8.93 -29.31
C LEU D 43 -22.82 8.05 -30.55
N SER D 44 -21.63 7.68 -30.98
CA SER D 44 -21.44 6.82 -32.15
C SER D 44 -21.30 5.36 -31.76
N CYS D 45 -21.71 5.00 -30.56
CA CYS D 45 -21.53 3.64 -30.06
C CYS D 45 -22.26 2.64 -30.93
N GLY D 46 -21.51 1.76 -31.59
CA GLY D 46 -22.09 0.72 -32.41
C GLY D 46 -22.75 1.23 -33.68
N ALA D 47 -22.25 2.31 -34.25
CA ALA D 47 -22.88 2.94 -35.40
C ALA D 47 -22.29 2.37 -36.70
N THR D 48 -23.11 2.37 -37.73
CA THR D 48 -22.66 1.98 -39.06
C THR D 48 -22.03 3.17 -39.77
N PRO D 49 -21.12 2.94 -40.72
CA PRO D 49 -20.56 4.07 -41.48
C PRO D 49 -21.64 4.98 -42.05
N GLN D 50 -22.77 4.42 -42.47
CA GLN D 50 -23.88 5.26 -42.93
C GLN D 50 -24.37 6.17 -41.82
N ASP D 51 -24.46 5.64 -40.59
CA ASP D 51 -24.89 6.46 -39.47
C ASP D 51 -23.83 7.49 -39.09
N LEU D 52 -22.56 7.17 -39.29
CA LEU D 52 -21.50 8.14 -38.99
C LEU D 52 -21.57 9.32 -39.94
N ASN D 53 -21.68 9.06 -41.24
CA ASN D 53 -21.87 10.15 -42.20
C ASN D 53 -23.11 10.96 -41.86
N THR D 54 -24.17 10.28 -41.40
CA THR D 54 -25.38 10.99 -41.00
C THR D 54 -25.08 12.00 -39.90
N MET D 55 -24.41 11.55 -38.84
CA MET D 55 -24.02 12.47 -37.77
C MET D 55 -23.18 13.61 -38.31
N LEU D 56 -22.11 13.28 -39.03
CA LEU D 56 -21.24 14.33 -39.58
C LEU D 56 -22.00 15.25 -40.52
N ASN D 57 -22.98 14.72 -41.26
CA ASN D 57 -23.71 15.56 -42.20
C ASN D 57 -24.77 16.42 -41.53
N THR D 58 -25.17 16.07 -40.30
CA THR D 58 -26.09 16.93 -39.56
C THR D 58 -25.41 18.14 -38.96
N VAL D 59 -24.08 18.11 -38.84
CA VAL D 59 -23.33 19.23 -38.28
C VAL D 59 -23.57 20.47 -39.13
N GLY D 60 -24.31 21.42 -38.56
CA GLY D 60 -24.52 22.69 -39.22
C GLY D 60 -23.39 23.65 -38.98
N GLY D 61 -22.75 24.09 -40.05
CA GLY D 61 -21.63 25.00 -39.94
C GLY D 61 -20.31 24.28 -39.80
N HIS D 62 -19.30 25.06 -39.43
CA HIS D 62 -17.94 24.57 -39.27
C HIS D 62 -17.49 23.76 -40.48
N GLN D 63 -18.03 24.09 -41.66
CA GLN D 63 -17.73 23.32 -42.87
C GLN D 63 -16.23 23.28 -43.16
N ALA D 64 -15.46 24.25 -42.65
CA ALA D 64 -14.02 24.14 -42.74
C ALA D 64 -13.53 22.90 -41.97
N ALA D 65 -13.93 22.79 -40.71
CA ALA D 65 -13.56 21.62 -39.93
C ALA D 65 -14.08 20.34 -40.58
N MET D 66 -15.29 20.38 -41.12
CA MET D 66 -15.82 19.22 -41.82
C MET D 66 -14.93 18.83 -42.99
N GLN D 67 -14.53 19.81 -43.79
CA GLN D 67 -13.66 19.51 -44.93
C GLN D 67 -12.34 18.91 -44.46
N MET D 68 -11.73 19.52 -43.44
CA MET D 68 -10.53 18.94 -42.85
C MET D 68 -10.77 17.49 -42.45
N LEU D 69 -11.94 17.22 -41.87
CA LEU D 69 -12.27 15.85 -41.50
C LEU D 69 -12.22 14.93 -42.72
N LYS D 70 -12.95 15.31 -43.78
CA LYS D 70 -12.93 14.51 -45.00
C LYS D 70 -11.51 14.30 -45.51
N GLU D 71 -10.70 15.37 -45.51
CA GLU D 71 -9.32 15.23 -45.96
C GLU D 71 -8.56 14.22 -45.10
N THR D 72 -8.85 14.18 -43.80
CA THR D 72 -8.21 13.20 -42.94
C THR D 72 -8.72 11.79 -43.24
N ILE D 73 -10.03 11.66 -43.48
CA ILE D 73 -10.59 10.37 -43.83
C ILE D 73 -10.00 9.87 -45.15
N ASN D 74 -9.93 10.75 -46.15
CA ASN D 74 -9.33 10.38 -47.43
C ASN D 74 -7.89 9.93 -47.25
N GLU D 75 -7.14 10.59 -46.34
CA GLU D 75 -5.80 10.14 -46.03
C GLU D 75 -5.84 8.76 -45.37
N GLU D 76 -6.58 8.64 -44.27
CA GLU D 76 -6.69 7.34 -43.59
C GLU D 76 -7.22 6.27 -44.52
N ALA D 77 -8.11 6.62 -45.45
CA ALA D 77 -8.58 5.66 -46.43
C ALA D 77 -7.48 5.29 -47.41
N ALA D 78 -6.60 6.23 -47.74
CA ALA D 78 -5.51 5.95 -48.66
C ALA D 78 -4.51 4.96 -48.07
N GLU D 79 -4.25 5.07 -46.76
CA GLU D 79 -3.32 4.15 -46.13
C GLU D 79 -3.95 2.77 -45.91
N TRP D 80 -5.26 2.72 -45.66
CA TRP D 80 -5.93 1.43 -45.51
C TRP D 80 -5.90 0.65 -46.81
N ASP D 81 -6.01 1.34 -47.95
CA ASP D 81 -5.89 0.67 -49.23
C ASP D 81 -4.45 0.27 -49.53
N ARG D 82 -3.48 0.94 -48.91
CA ARG D 82 -2.06 0.62 -49.07
C ARG D 82 -1.60 -0.49 -48.13
N LEU D 83 -2.40 -0.85 -47.13
CA LEU D 83 -2.05 -1.90 -46.18
C LEU D 83 -2.98 -3.10 -46.24
N HIS D 84 -4.10 -3.01 -46.94
CA HIS D 84 -5.09 -4.10 -47.05
C HIS D 84 -5.45 -4.29 -48.51
N PRO D 85 -4.53 -4.79 -49.33
CA PRO D 85 -4.81 -4.92 -50.77
C PRO D 85 -5.99 -5.87 -51.02
N VAL D 86 -6.77 -5.55 -52.05
CA VAL D 86 -7.99 -6.30 -52.33
C VAL D 86 -7.64 -7.66 -52.92
N HIS D 87 -8.52 -8.64 -52.72
CA HIS D 87 -8.27 -10.04 -53.07
C HIS D 87 -9.00 -10.40 -54.37
N ALA D 88 -8.37 -11.28 -55.15
CA ALA D 88 -8.86 -11.62 -56.49
C ALA D 88 -9.72 -12.89 -56.56
N GLY D 89 -9.87 -13.64 -55.46
CA GLY D 89 -10.46 -14.97 -55.52
C GLY D 89 -11.89 -15.12 -55.02
N PRO D 90 -12.67 -16.00 -55.65
CA PRO D 90 -14.14 -15.94 -55.52
C PRO D 90 -14.70 -16.12 -54.11
N ILE D 91 -15.98 -15.72 -53.98
CA ILE D 91 -16.51 -15.21 -52.71
C ILE D 91 -16.80 -16.36 -51.77
N ALA D 92 -16.07 -16.40 -50.67
CA ALA D 92 -16.32 -17.39 -49.65
C ALA D 92 -17.76 -17.17 -49.22
N PRO D 93 -18.67 -18.09 -49.50
CA PRO D 93 -20.09 -17.77 -49.29
C PRO D 93 -20.36 -17.31 -47.87
N GLY D 94 -19.59 -17.78 -46.90
CA GLY D 94 -19.79 -17.33 -45.53
C GLY D 94 -19.36 -15.90 -45.28
N GLN D 95 -18.33 -15.42 -46.00
CA GLN D 95 -17.56 -14.26 -45.57
C GLN D 95 -17.44 -13.21 -46.67
N MET D 96 -17.45 -11.93 -46.26
CA MET D 96 -17.35 -10.77 -47.15
C MET D 96 -15.88 -10.54 -47.58
N ARG D 97 -15.66 -9.60 -48.53
CA ARG D 97 -14.28 -9.18 -48.75
C ARG D 97 -13.86 -8.16 -47.73
N GLU D 98 -12.57 -8.12 -47.49
CA GLU D 98 -11.99 -7.08 -46.69
C GLU D 98 -12.45 -5.74 -47.24
N PRO D 99 -13.06 -4.89 -46.43
CA PRO D 99 -13.59 -3.62 -46.95
C PRO D 99 -12.49 -2.75 -47.51
N ARG D 100 -12.81 -2.04 -48.58
CA ARG D 100 -11.89 -1.04 -49.08
C ARG D 100 -11.96 0.21 -48.19
N GLY D 101 -10.88 0.98 -48.22
CA GLY D 101 -10.86 2.21 -47.44
C GLY D 101 -12.02 3.13 -47.78
N SER D 102 -12.46 3.11 -49.04
CA SER D 102 -13.66 3.85 -49.41
C SER D 102 -14.92 3.19 -48.87
N ASP D 103 -14.92 1.87 -48.72
CA ASP D 103 -16.07 1.18 -48.12
C ASP D 103 -16.19 1.54 -46.64
N ILE D 104 -15.07 1.57 -45.92
CA ILE D 104 -15.08 2.02 -44.53
C ILE D 104 -15.64 3.44 -44.46
N ALA D 105 -15.21 4.31 -45.38
CA ALA D 105 -15.75 5.66 -45.42
C ALA D 105 -17.25 5.67 -45.69
N GLY D 106 -17.76 4.61 -46.33
CA GLY D 106 -19.14 4.57 -46.75
C GLY D 106 -19.41 5.22 -48.08
N THR D 107 -18.40 5.85 -48.68
CA THR D 107 -18.56 6.45 -50.01
C THR D 107 -18.95 5.40 -51.04
N THR D 108 -18.33 4.23 -50.98
CA THR D 108 -18.46 3.22 -52.01
C THR D 108 -19.22 1.97 -51.56
N SER D 109 -19.70 1.93 -50.32
CA SER D 109 -20.30 0.73 -49.75
C SER D 109 -21.76 0.98 -49.39
N THR D 110 -22.62 0.05 -49.75
CA THR D 110 -24.01 0.08 -49.32
C THR D 110 -24.10 -0.21 -47.83
N LEU D 111 -25.18 0.27 -47.21
CA LEU D 111 -25.36 0.00 -45.78
C LEU D 111 -25.47 -1.50 -45.53
N GLN D 112 -26.13 -2.24 -46.42
CA GLN D 112 -26.24 -3.67 -46.23
C GLN D 112 -24.86 -4.33 -46.26
N GLU D 113 -24.00 -3.90 -47.18
CA GLU D 113 -22.60 -4.30 -47.14
C GLU D 113 -21.98 -3.97 -45.78
N GLN D 114 -22.05 -2.69 -45.40
CA GLN D 114 -21.51 -2.27 -44.11
C GLN D 114 -22.06 -3.14 -42.98
N ILE D 115 -23.39 -3.26 -42.91
CA ILE D 115 -24.01 -4.00 -41.81
C ILE D 115 -23.47 -5.42 -41.77
N GLY D 116 -23.27 -6.05 -42.94
CA GLY D 116 -22.78 -7.41 -42.97
C GLY D 116 -21.37 -7.55 -42.44
N TRP D 117 -20.49 -6.61 -42.81
CA TRP D 117 -19.11 -6.66 -42.32
C TRP D 117 -19.06 -6.73 -40.80
N MET D 118 -19.95 -5.98 -40.13
CA MET D 118 -19.90 -5.89 -38.68
C MET D 118 -20.63 -7.03 -38.01
N THR D 119 -21.65 -7.59 -38.65
CA THR D 119 -22.42 -8.72 -38.11
C THR D 119 -21.94 -9.97 -38.82
N HIS D 120 -20.90 -10.58 -38.26
CA HIS D 120 -20.17 -11.64 -38.93
C HIS D 120 -19.62 -12.57 -37.86
N ASN D 121 -19.55 -13.87 -38.19
CA ASN D 121 -18.93 -14.82 -37.27
C ASN D 121 -17.53 -14.38 -36.87
N PRO D 122 -16.66 -13.96 -37.79
CA PRO D 122 -15.53 -13.13 -37.40
C PRO D 122 -15.80 -11.67 -37.79
N PRO D 123 -16.21 -10.84 -36.82
CA PRO D 123 -16.73 -9.51 -37.18
C PRO D 123 -15.59 -8.55 -37.47
N ILE D 124 -15.51 -8.07 -38.71
CA ILE D 124 -14.59 -7.04 -39.12
C ILE D 124 -15.29 -5.68 -38.90
N PRO D 125 -14.76 -4.80 -38.05
CA PRO D 125 -15.55 -3.62 -37.65
C PRO D 125 -15.40 -2.44 -38.59
N VAL D 126 -16.22 -2.38 -39.64
CA VAL D 126 -16.17 -1.24 -40.54
C VAL D 126 -16.65 0.02 -39.84
N GLY D 127 -17.52 -0.11 -38.84
CA GLY D 127 -18.00 1.05 -38.14
C GLY D 127 -16.95 1.65 -37.23
N GLU D 128 -16.24 0.81 -36.48
CA GLU D 128 -15.28 1.31 -35.51
C GLU D 128 -13.96 1.72 -36.15
N ILE D 129 -13.63 1.18 -37.32
CA ILE D 129 -12.48 1.67 -38.06
C ILE D 129 -12.74 3.10 -38.54
N TYR D 130 -13.91 3.32 -39.14
CA TYR D 130 -14.27 4.66 -39.58
C TYR D 130 -14.28 5.64 -38.42
N LYS D 131 -14.86 5.24 -37.28
CA LYS D 131 -14.88 6.10 -36.11
C LYS D 131 -13.47 6.51 -35.71
N ARG D 132 -12.49 5.61 -35.87
CA ARG D 132 -11.12 5.97 -35.55
C ARG D 132 -10.61 7.07 -36.48
N TRP D 133 -10.85 6.93 -37.78
CA TRP D 133 -10.43 7.96 -38.72
C TRP D 133 -11.11 9.29 -38.41
N ILE D 134 -12.39 9.26 -38.07
CA ILE D 134 -13.11 10.49 -37.75
C ILE D 134 -12.52 11.14 -36.50
N ILE D 135 -12.40 10.37 -35.43
CA ILE D 135 -11.86 10.91 -34.19
C ILE D 135 -10.45 11.44 -34.39
N LEU D 136 -9.70 10.87 -35.33
CA LEU D 136 -8.34 11.34 -35.57
C LEU D 136 -8.35 12.69 -36.29
N GLY D 137 -9.30 12.88 -37.21
CA GLY D 137 -9.44 14.18 -37.85
C GLY D 137 -10.03 15.22 -36.92
N LEU D 138 -10.91 14.81 -36.00
CA LEU D 138 -11.45 15.75 -35.02
C LEU D 138 -10.36 16.26 -34.09
N ASN D 139 -9.41 15.40 -33.72
CA ASN D 139 -8.31 15.84 -32.88
C ASN D 139 -7.51 16.94 -33.55
N LYS D 140 -7.34 16.85 -34.87
CA LYS D 140 -6.70 17.93 -35.60
C LYS D 140 -7.54 19.21 -35.52
N ILE D 141 -8.85 19.08 -35.69
CA ILE D 141 -9.74 20.23 -35.60
C ILE D 141 -9.54 20.95 -34.27
N VAL D 142 -9.57 20.19 -33.17
CA VAL D 142 -9.46 20.81 -31.85
C VAL D 142 -8.08 21.43 -31.67
N ARG D 143 -7.04 20.80 -32.21
CA ARG D 143 -5.70 21.40 -32.14
C ARG D 143 -5.66 22.71 -32.92
N MET D 144 -6.25 22.73 -34.12
CA MET D 144 -6.29 23.96 -34.90
C MET D 144 -7.10 25.03 -34.19
N TYR D 145 -8.36 24.72 -33.89
CA TYR D 145 -9.27 25.68 -33.28
C TYR D 145 -8.90 26.07 -31.85
N SER D 146 -7.83 25.49 -31.31
CA SER D 146 -7.28 25.93 -30.02
C SER D 146 -6.35 27.12 -30.26
N PRO D 147 -6.78 28.35 -29.94
CA PRO D 147 -5.93 29.51 -30.26
C PRO D 147 -4.71 29.60 -29.37
N THR D 148 -4.80 29.11 -28.13
CA THR D 148 -3.71 29.24 -27.19
C THR D 148 -2.65 28.18 -27.44
N SER D 149 -1.43 28.50 -27.00
CA SER D 149 -0.31 27.57 -26.98
C SER D 149 0.15 27.41 -25.54
N ILE D 150 0.56 26.20 -25.17
CA ILE D 150 0.90 25.93 -23.77
C ILE D 150 2.05 26.80 -23.29
N LEU D 151 2.85 27.35 -24.20
CA LEU D 151 3.90 28.27 -23.79
C LEU D 151 3.35 29.66 -23.51
N ASP D 152 2.22 30.02 -24.12
CA ASP D 152 1.57 31.29 -23.88
C ASP D 152 0.72 31.29 -22.61
N ILE D 153 0.67 30.18 -21.88
CA ILE D 153 -0.13 30.09 -20.66
C ILE D 153 0.77 30.48 -19.49
N ARG D 154 0.51 31.65 -18.90
CA ARG D 154 1.25 32.16 -17.77
C ARG D 154 0.27 32.67 -16.72
N GLN D 155 0.67 32.59 -15.47
CA GLN D 155 -0.18 33.02 -14.37
C GLN D 155 -0.10 34.53 -14.21
N GLY D 156 -1.26 35.17 -14.12
CA GLY D 156 -1.32 36.59 -13.91
C GLY D 156 -0.81 36.96 -12.52
N PRO D 157 -0.65 38.26 -12.27
CA PRO D 157 -0.24 38.68 -10.93
C PRO D 157 -1.31 38.43 -9.88
N LYS D 158 -2.57 38.70 -10.19
CA LYS D 158 -3.69 38.51 -9.28
C LYS D 158 -4.50 37.26 -9.60
N GLU D 159 -3.97 36.34 -10.43
CA GLU D 159 -4.71 35.15 -10.88
C GLU D 159 -4.54 34.02 -9.87
N PRO D 160 -5.62 33.38 -9.43
CA PRO D 160 -5.47 32.22 -8.54
C PRO D 160 -4.76 31.08 -9.25
N PHE D 161 -4.05 30.27 -8.45
CA PHE D 161 -3.35 29.13 -9.02
C PHE D 161 -4.32 28.17 -9.71
N ARG D 162 -5.41 27.82 -9.02
CA ARG D 162 -6.39 26.90 -9.60
C ARG D 162 -6.84 27.35 -10.98
N ASP D 163 -7.09 28.65 -11.14
CA ASP D 163 -7.51 29.15 -12.45
C ASP D 163 -6.40 29.02 -13.48
N TYR D 164 -5.17 29.32 -13.08
CA TYR D 164 -4.05 29.23 -14.01
C TYR D 164 -3.83 27.78 -14.45
N VAL D 165 -3.99 26.84 -13.53
CA VAL D 165 -3.85 25.44 -13.89
C VAL D 165 -4.98 25.03 -14.84
N ASP D 166 -6.21 25.46 -14.55
CA ASP D 166 -7.32 25.15 -15.44
C ASP D 166 -7.03 25.60 -16.88
N ARG D 167 -6.48 26.80 -17.04
CA ARG D 167 -6.10 27.23 -18.39
C ARG D 167 -4.88 26.47 -18.89
N PHE D 168 -4.01 26.02 -17.98
CA PHE D 168 -2.79 25.36 -18.40
C PHE D 168 -3.08 24.01 -19.05
N TYR D 169 -3.99 23.24 -18.46
CA TYR D 169 -4.32 21.92 -18.99
C TYR D 169 -5.43 21.97 -20.03
N LYS D 170 -6.37 22.89 -19.89
CA LYS D 170 -7.32 23.14 -20.97
C LYS D 170 -6.59 23.37 -22.29
N THR D 171 -5.56 24.22 -22.27
CA THR D 171 -4.76 24.44 -23.48
C THR D 171 -3.97 23.19 -23.82
N LEU D 172 -3.33 22.58 -22.82
CA LEU D 172 -2.53 21.39 -23.07
C LEU D 172 -3.37 20.28 -23.69
N ARG D 173 -4.63 20.18 -23.29
CA ARG D 173 -5.50 19.12 -23.79
C ARG D 173 -5.82 19.33 -25.27
N ALA D 174 -6.20 20.55 -25.64
CA ALA D 174 -6.55 20.82 -27.03
C ALA D 174 -5.34 20.67 -27.95
N GLU D 175 -4.14 20.93 -27.44
CA GLU D 175 -2.91 20.69 -28.19
C GLU D 175 -2.60 19.19 -28.09
N GLN D 176 -3.33 18.40 -28.88
CA GLN D 176 -3.17 16.95 -28.84
C GLN D 176 -1.72 16.58 -29.13
N ALA D 177 -1.05 15.99 -28.15
CA ALA D 177 0.35 15.61 -28.27
C ALA D 177 0.60 14.38 -27.41
N SER D 178 1.77 13.79 -27.59
CA SER D 178 2.14 12.60 -26.83
C SER D 178 2.01 12.88 -25.34
N GLN D 179 1.77 11.80 -24.58
CA GLN D 179 1.77 11.95 -23.12
C GLN D 179 3.11 12.48 -22.63
N GLU D 180 4.20 12.13 -23.32
CA GLU D 180 5.51 12.67 -22.98
C GLU D 180 5.52 14.19 -23.14
N VAL D 181 4.98 14.68 -24.25
CA VAL D 181 4.95 16.13 -24.48
C VAL D 181 4.10 16.81 -23.42
N LYS D 182 2.93 16.22 -23.10
CA LYS D 182 2.08 16.79 -22.06
C LYS D 182 2.75 16.65 -20.70
N ASN D 183 3.24 15.45 -20.37
CA ASN D 183 3.88 15.23 -19.08
C ASN D 183 5.14 16.07 -18.94
N ALA D 184 5.94 16.16 -20.01
CA ALA D 184 7.13 17.00 -19.99
C ALA D 184 6.75 18.46 -19.74
N ALA D 185 5.73 18.94 -20.44
CA ALA D 185 5.32 20.34 -20.29
C ALA D 185 5.01 20.68 -18.83
N THR D 186 4.31 19.78 -18.14
CA THR D 186 3.94 20.05 -16.75
C THR D 186 5.18 20.33 -15.90
N GLU D 187 6.11 19.37 -15.85
CA GLU D 187 7.30 19.53 -15.04
C GLU D 187 8.10 20.75 -15.45
N THR D 188 7.98 21.16 -16.72
CA THR D 188 8.74 22.29 -17.24
C THR D 188 8.00 23.60 -17.01
N LEU D 189 6.78 23.71 -17.54
CA LEU D 189 6.08 24.98 -17.66
C LEU D 189 5.21 25.30 -16.45
N LEU D 190 4.52 24.32 -15.90
CA LEU D 190 3.53 24.61 -14.86
C LEU D 190 4.13 25.46 -13.75
N VAL D 191 5.34 25.13 -13.30
CA VAL D 191 5.98 25.89 -12.24
C VAL D 191 6.71 27.11 -12.79
N GLN D 192 7.36 26.97 -13.94
CA GLN D 192 8.11 28.08 -14.52
C GLN D 192 7.18 29.23 -14.90
N ASN D 193 6.11 28.93 -15.64
CA ASN D 193 5.18 29.96 -16.08
C ASN D 193 4.36 30.54 -14.93
N ALA D 194 4.23 29.80 -13.83
CA ALA D 194 3.45 30.30 -12.70
C ALA D 194 4.06 31.58 -12.15
N ASN D 195 3.21 32.41 -11.52
CA ASN D 195 3.66 33.73 -11.09
C ASN D 195 4.64 33.58 -9.92
N PRO D 196 5.47 34.60 -9.68
CA PRO D 196 6.61 34.41 -8.76
C PRO D 196 6.20 34.11 -7.32
N ASP D 197 5.15 34.75 -6.80
CA ASP D 197 4.78 34.53 -5.41
C ASP D 197 4.44 33.06 -5.15
N CYS D 198 3.59 32.47 -6.00
CA CYS D 198 3.30 31.06 -5.87
C CYS D 198 4.46 30.19 -6.34
N LYS D 199 5.23 30.67 -7.32
CA LYS D 199 6.31 29.87 -7.88
C LYS D 199 7.31 29.45 -6.81
N THR D 200 7.78 30.42 -6.02
CA THR D 200 8.76 30.10 -4.98
C THR D 200 8.22 29.08 -3.99
N ILE D 201 6.92 29.16 -3.68
CA ILE D 201 6.32 28.20 -2.77
C ILE D 201 6.47 26.79 -3.33
N LEU D 202 6.10 26.60 -4.60
CA LEU D 202 6.16 25.28 -5.21
C LEU D 202 7.61 24.79 -5.28
N LYS D 203 8.55 25.69 -5.54
CA LYS D 203 9.95 25.30 -5.60
C LYS D 203 10.47 24.79 -4.27
N ALA D 204 9.86 25.19 -3.16
CA ALA D 204 10.27 24.74 -1.83
C ALA D 204 9.70 23.37 -1.47
N LEU D 205 8.87 22.77 -2.33
CA LEU D 205 8.22 21.51 -2.03
C LEU D 205 8.92 20.31 -2.66
N GLY D 206 9.76 20.53 -3.67
CA GLY D 206 10.43 19.45 -4.35
C GLY D 206 9.65 19.01 -5.57
N PRO D 207 10.35 18.53 -6.61
CA PRO D 207 9.65 18.14 -7.84
C PRO D 207 8.65 17.00 -7.64
N GLY D 208 8.76 16.24 -6.55
CA GLY D 208 7.88 15.11 -6.34
C GLY D 208 6.65 15.45 -5.54
N ALA D 209 6.06 16.62 -5.81
CA ALA D 209 4.86 17.08 -5.12
C ALA D 209 3.66 16.95 -6.06
N THR D 210 2.63 16.24 -5.61
CA THR D 210 1.45 16.06 -6.43
C THR D 210 0.77 17.40 -6.69
N LEU D 211 -0.09 17.43 -7.71
CA LEU D 211 -0.81 18.65 -8.04
C LEU D 211 -1.67 19.11 -6.86
N GLU D 212 -2.25 18.16 -6.12
CA GLU D 212 -2.98 18.52 -4.91
C GLU D 212 -2.05 19.19 -3.91
N GLU D 213 -0.85 18.64 -3.74
CA GLU D 213 0.13 19.24 -2.83
C GLU D 213 0.61 20.60 -3.33
N MET D 214 0.45 20.90 -4.62
CA MET D 214 0.78 22.21 -5.16
C MET D 214 -0.39 23.18 -5.04
N MET D 215 -1.59 22.75 -5.43
CA MET D 215 -2.73 23.64 -5.43
C MET D 215 -3.16 24.02 -4.01
N THR D 216 -2.86 23.17 -3.03
CA THR D 216 -3.18 23.53 -1.65
C THR D 216 -2.26 24.64 -1.16
N ALA D 217 -0.99 24.62 -1.57
CA ALA D 217 -0.03 25.59 -1.07
C ALA D 217 -0.34 27.00 -1.55
N CYS D 218 -0.86 27.15 -2.77
CA CYS D 218 -1.06 28.46 -3.37
C CYS D 218 -2.51 28.92 -3.32
N GLN D 219 -3.20 28.63 -2.23
CA GLN D 219 -4.52 29.18 -1.97
C GLN D 219 -4.39 30.45 -1.12
N GLY D 220 -5.38 31.33 -1.23
CA GLY D 220 -5.39 32.57 -0.47
C GLY D 220 -6.69 33.34 -0.58
#